data_7UNI
#
_entry.id   7UNI
#
_cell.length_a   52.855
_cell.length_b   54.961
_cell.length_c   89.365
_cell.angle_alpha   87.830
_cell.angle_beta   84.060
_cell.angle_gamma   69.450
#
_symmetry.space_group_name_H-M   'P 1'
#
loop_
_entity.id
_entity.type
_entity.pdbx_description
1 polymer 'SP2-ZnPPaM designed chlorophyll dimer protein'
2 non-polymer '[methyl 9-ethenyl-14-ethyl-3-(3-methoxy-3-oxopropyl)-4,8,13,18-tetramethyl-20-oxophorbine-21-carboxylatato(2-)-kappa~4~N~23~,N~24~,N~25~,N~26~]zinc'
3 non-polymer 'PHOSPHATE ION'
4 non-polymer 1,2-ETHANEDIOL
5 non-polymer 'TRIETHYLENE GLYCOL'
6 water water
#
_entity_poly.entity_id   1
_entity_poly.type   'polypeptide(L)'
_entity_poly.pdbx_seq_one_letter_code
;SGSGSSDEEFKFLATEAKMLITAAERLAGTDPELQEMVALIKKELEQAERTFRNGDKSEAQRQLEFVLTAARAVMNVAAA
ANAAGTDPELIEMVLRILKQLKEAIRTFQNGDQEEAETQLRFVLRAAIAVAVVAAALVLAGTDPELQEMVKQILEELKQA
IETFARGDKEKALTQLLFVAWAAHAVAMIAAAANLAGTDPRLQQQVKEILEKLKEAIETFQKGDEEQAFRQLAEVLAEAA
LVALRAALTN
;
_entity_poly.pdbx_strand_id   A,C,B,D
#
# COMPACT_ATOMS: atom_id res chain seq x y z
N ASP A 7 -3.68 22.16 -1.56
CA ASP A 7 -4.03 22.76 -0.28
C ASP A 7 -3.16 22.21 0.85
N GLU A 8 -2.83 23.10 1.79
CA GLU A 8 -2.02 22.72 2.94
C GLU A 8 -2.78 21.81 3.90
N GLU A 9 -4.05 22.14 4.17
CA GLU A 9 -4.83 21.33 5.09
C GLU A 9 -5.02 19.92 4.54
N PHE A 10 -5.27 19.78 3.24
CA PHE A 10 -5.55 18.46 2.67
C PHE A 10 -4.34 17.54 2.79
N LYS A 11 -3.12 18.06 2.59
CA LYS A 11 -1.95 17.22 2.72
C LYS A 11 -1.76 16.76 4.15
N PHE A 12 -2.06 17.63 5.11
CA PHE A 12 -1.93 17.26 6.53
C PHE A 12 -3.02 16.28 6.95
N LEU A 13 -4.21 16.41 6.37
CA LEU A 13 -5.29 15.49 6.69
C LEU A 13 -5.00 14.09 6.16
N ALA A 14 -4.53 14.00 4.91
CA ALA A 14 -4.14 12.71 4.40
C ALA A 14 -2.98 12.13 5.19
N THR A 15 -2.08 12.99 5.69
CA THR A 15 -0.98 12.48 6.50
C THR A 15 -1.49 11.86 7.79
N GLU A 16 -2.47 12.48 8.44
CA GLU A 16 -3.01 11.87 9.65
C GLU A 16 -3.80 10.59 9.34
N ALA A 17 -4.58 10.60 8.26
CA ALA A 17 -5.37 9.43 7.94
C ALA A 17 -4.44 8.26 7.62
N LYS A 18 -3.34 8.54 6.91
CA LYS A 18 -2.37 7.52 6.56
C LYS A 18 -1.77 6.85 7.80
N MET A 19 -1.36 7.65 8.80
CA MET A 19 -0.77 7.06 9.99
C MET A 19 -1.76 6.17 10.71
N LEU A 20 -3.01 6.65 10.86
CA LEU A 20 -4.05 5.89 11.51
C LEU A 20 -4.31 4.60 10.76
N ILE A 21 -4.31 4.65 9.43
CA ILE A 21 -4.56 3.45 8.64
C ILE A 21 -3.39 2.49 8.76
N THR A 22 -2.17 3.03 8.72
CA THR A 22 -0.99 2.19 8.88
C THR A 22 -0.98 1.49 10.23
N ALA A 23 -1.25 2.24 11.32
CA ALA A 23 -1.24 1.60 12.63
C ALA A 23 -2.42 0.64 12.80
N ALA A 24 -3.53 0.90 12.12
CA ALA A 24 -4.66 -0.03 12.23
C ALA A 24 -4.36 -1.36 11.54
N GLU A 25 -3.64 -1.34 10.41
CA GLU A 25 -3.24 -2.58 9.74
C GLU A 25 -2.40 -3.45 10.66
N ARG A 26 -1.35 -2.86 11.26
CA ARG A 26 -0.53 -3.63 12.19
C ARG A 26 -1.38 -4.18 13.35
N LEU A 27 -2.28 -3.36 13.90
CA LEU A 27 -3.13 -3.82 15.00
C LEU A 27 -4.20 -4.82 14.56
N ALA A 28 -4.55 -4.82 13.26
CA ALA A 28 -5.46 -5.83 12.72
C ALA A 28 -4.81 -7.20 12.71
N GLY A 29 -3.52 -7.24 12.38
CA GLY A 29 -2.82 -8.49 12.21
C GLY A 29 -3.48 -9.30 11.11
N THR A 30 -3.84 -10.53 11.45
CA THR A 30 -4.36 -11.46 10.47
C THR A 30 -5.86 -11.64 10.59
N ASP A 31 -6.53 -10.85 11.42
CA ASP A 31 -7.98 -10.87 11.52
C ASP A 31 -8.60 -10.36 10.22
N PRO A 32 -9.40 -11.16 9.51
CA PRO A 32 -9.91 -10.70 8.21
C PRO A 32 -10.98 -9.63 8.32
N GLU A 33 -11.90 -9.72 9.30
CA GLU A 33 -12.95 -8.70 9.47
C GLU A 33 -12.36 -7.32 9.77
N LEU A 34 -11.32 -7.26 10.60
CA LEU A 34 -10.68 -5.99 10.87
C LEU A 34 -9.87 -5.54 9.67
N GLN A 35 -9.22 -6.49 9.00
CA GLN A 35 -8.42 -6.15 7.84
C GLN A 35 -9.31 -5.72 6.68
N GLU A 36 -10.46 -6.38 6.52
CA GLU A 36 -11.46 -5.92 5.55
C GLU A 36 -11.80 -4.46 5.79
N MET A 37 -12.05 -4.11 7.05
CA MET A 37 -12.40 -2.74 7.42
C MET A 37 -11.27 -1.78 7.10
N VAL A 38 -10.04 -2.15 7.45
CA VAL A 38 -8.90 -1.28 7.21
C VAL A 38 -8.74 -1.05 5.71
N ALA A 39 -8.65 -2.13 4.94
CA ALA A 39 -8.45 -2.03 3.51
C ALA A 39 -9.55 -1.21 2.86
N LEU A 40 -10.78 -1.31 3.38
CA LEU A 40 -11.89 -0.60 2.78
C LEU A 40 -11.75 0.90 3.00
N ILE A 41 -11.31 1.29 4.19
CA ILE A 41 -11.11 2.71 4.47
C ILE A 41 -9.88 3.21 3.72
N LYS A 42 -8.83 2.39 3.63
CA LYS A 42 -7.66 2.76 2.84
C LYS A 42 -8.03 2.98 1.38
N LYS A 43 -8.94 2.17 0.86
CA LYS A 43 -9.41 2.38 -0.51
C LYS A 43 -10.03 3.77 -0.65
N GLU A 44 -10.93 4.14 0.27
CA GLU A 44 -11.59 5.43 0.17
C GLU A 44 -10.62 6.60 0.31
N LEU A 45 -9.59 6.45 1.14
CA LEU A 45 -8.52 7.45 1.21
C LEU A 45 -7.86 7.65 -0.16
N GLU A 46 -7.60 6.56 -0.89
CA GLU A 46 -6.95 6.69 -2.19
C GLU A 46 -7.85 7.38 -3.20
N GLN A 47 -9.13 7.01 -3.23
CA GLN A 47 -10.08 7.70 -4.10
C GLN A 47 -10.11 9.18 -3.79
N ALA A 48 -10.22 9.54 -2.50
CA ALA A 48 -10.16 10.93 -2.09
C ALA A 48 -8.93 11.62 -2.68
N GLU A 49 -7.77 10.96 -2.57
CA GLU A 49 -6.55 11.53 -3.12
C GLU A 49 -6.54 11.51 -4.64
N ARG A 50 -7.23 10.54 -5.25
CA ARG A 50 -7.37 10.53 -6.71
C ARG A 50 -8.30 11.61 -7.19
N THR A 51 -9.33 11.94 -6.40
CA THR A 51 -10.24 13.02 -6.77
C THR A 51 -9.58 14.38 -6.58
N PHE A 52 -8.79 14.54 -5.52
CA PHE A 52 -7.99 15.75 -5.37
C PHE A 52 -6.98 15.88 -6.50
N ARG A 53 -6.56 14.75 -7.09
CA ARG A 53 -5.55 14.74 -8.14
C ARG A 53 -6.15 14.97 -9.52
N ASN A 54 -7.33 14.40 -9.80
CA ASN A 54 -7.89 14.42 -11.14
C ASN A 54 -9.35 14.86 -11.14
N GLY A 55 -9.81 15.51 -10.08
CA GLY A 55 -11.17 15.98 -10.02
C GLY A 55 -11.29 17.18 -9.11
N ASP A 56 -12.51 17.41 -8.62
CA ASP A 56 -12.80 18.56 -7.77
C ASP A 56 -12.16 18.41 -6.41
N LYS A 57 -11.42 19.44 -5.98
CA LYS A 57 -10.74 19.39 -4.69
C LYS A 57 -11.73 19.56 -3.52
N SER A 58 -12.87 20.21 -3.75
CA SER A 58 -13.84 20.40 -2.68
C SER A 58 -14.50 19.08 -2.30
N GLU A 59 -14.85 18.26 -3.30
CA GLU A 59 -15.38 16.93 -3.01
C GLU A 59 -14.32 16.04 -2.36
N ALA A 60 -13.07 16.15 -2.77
CA ALA A 60 -12.02 15.34 -2.17
C ALA A 60 -11.85 15.64 -0.69
N GLN A 61 -12.00 16.91 -0.28
CA GLN A 61 -11.79 17.24 1.13
C GLN A 61 -12.98 16.84 2.01
N ARG A 62 -14.20 16.93 1.51
CA ARG A 62 -15.31 16.36 2.26
C ARG A 62 -15.17 14.85 2.33
N GLN A 63 -14.69 14.22 1.25
CA GLN A 63 -14.48 12.77 1.27
C GLN A 63 -13.32 12.38 2.19
N LEU A 64 -12.26 13.19 2.23
CA LEU A 64 -11.13 12.88 3.11
C LEU A 64 -11.49 13.07 4.58
N GLU A 65 -12.26 14.11 4.92
CA GLU A 65 -12.65 14.30 6.31
C GLU A 65 -13.48 13.13 6.83
N PHE A 66 -14.30 12.54 5.96
CA PHE A 66 -15.02 11.34 6.38
C PHE A 66 -14.02 10.19 6.58
N VAL A 67 -13.15 9.95 5.59
CA VAL A 67 -12.18 8.89 5.71
C VAL A 67 -11.38 9.03 7.01
N LEU A 68 -11.02 10.26 7.36
CA LEU A 68 -10.18 10.47 8.54
C LEU A 68 -10.91 10.09 9.82
N THR A 69 -12.21 10.34 9.90
CA THR A 69 -13.00 9.89 11.04
C THR A 69 -13.13 8.36 11.03
N ALA A 70 -13.35 7.77 9.84
CA ALA A 70 -13.39 6.32 9.73
C ALA A 70 -12.08 5.68 10.19
N ALA A 71 -10.95 6.30 9.86
CA ALA A 71 -9.67 5.71 10.24
C ALA A 71 -9.45 5.78 11.74
N ARG A 72 -9.84 6.90 12.37
CA ARG A 72 -9.77 6.99 13.82
C ARG A 72 -10.66 5.92 14.45
N ALA A 73 -11.88 5.78 13.93
CA ALA A 73 -12.78 4.78 14.45
C ALA A 73 -12.18 3.37 14.32
N VAL A 74 -11.74 3.00 13.10
CA VAL A 74 -11.22 1.64 12.91
C VAL A 74 -9.95 1.40 13.72
N MET A 75 -9.14 2.43 13.91
CA MET A 75 -7.98 2.29 14.80
C MET A 75 -8.42 1.93 16.24
N ASN A 76 -9.41 2.67 16.75
CA ASN A 76 -9.97 2.38 18.08
C ASN A 76 -10.52 0.96 18.19
N VAL A 77 -11.28 0.50 17.18
CA VAL A 77 -11.90 -0.82 17.31
C VAL A 77 -10.83 -1.90 17.25
N ALA A 78 -9.80 -1.73 16.39
CA ALA A 78 -8.71 -2.71 16.32
C ALA A 78 -7.91 -2.75 17.61
N ALA A 79 -7.68 -1.58 18.23
CA ALA A 79 -7.13 -1.54 19.58
C ALA A 79 -8.00 -2.33 20.55
N ALA A 80 -9.31 -2.03 20.57
CA ALA A 80 -10.25 -2.74 21.43
C ALA A 80 -10.24 -4.25 21.17
N ALA A 81 -10.16 -4.65 19.90
CA ALA A 81 -10.14 -6.07 19.58
C ALA A 81 -8.89 -6.75 20.16
N ASN A 82 -7.74 -6.11 20.03
CA ASN A 82 -6.54 -6.60 20.71
C ASN A 82 -6.75 -6.69 22.22
N ALA A 83 -7.21 -5.60 22.84
CA ALA A 83 -7.31 -5.63 24.29
C ALA A 83 -8.42 -6.54 24.78
N ALA A 84 -9.41 -6.88 23.94
CA ALA A 84 -10.49 -7.76 24.37
C ALA A 84 -9.98 -9.15 24.71
N GLY A 85 -8.94 -9.62 24.01
CA GLY A 85 -8.52 -10.99 24.16
C GLY A 85 -9.69 -11.89 23.81
N THR A 86 -10.01 -12.81 24.72
CA THR A 86 -11.03 -13.83 24.45
C THR A 86 -12.32 -13.57 25.23
N ASP A 87 -12.57 -12.34 25.67
CA ASP A 87 -13.79 -12.04 26.42
C ASP A 87 -14.99 -11.96 25.48
N PRO A 88 -16.02 -12.77 25.68
CA PRO A 88 -17.10 -12.86 24.67
C PRO A 88 -18.02 -11.64 24.65
N GLU A 89 -18.16 -10.91 25.76
CA GLU A 89 -18.91 -9.68 25.65
C GLU A 89 -18.19 -8.70 24.73
N LEU A 90 -16.90 -8.47 24.97
CA LEU A 90 -16.20 -7.43 24.21
C LEU A 90 -16.07 -7.80 22.74
N ILE A 91 -15.75 -9.06 22.46
CA ILE A 91 -15.70 -9.51 21.07
C ILE A 91 -16.99 -9.14 20.37
N GLU A 92 -18.11 -9.37 21.06
CA GLU A 92 -19.40 -9.17 20.43
C GLU A 92 -19.63 -7.68 20.18
N MET A 93 -19.34 -6.85 21.18
CA MET A 93 -19.42 -5.41 20.99
C MET A 93 -18.58 -4.96 19.81
N VAL A 94 -17.33 -5.43 19.73
CA VAL A 94 -16.42 -5.01 18.66
C VAL A 94 -17.01 -5.33 17.30
N LEU A 95 -17.50 -6.57 17.13
CA LEU A 95 -18.06 -6.93 15.83
C LEU A 95 -19.31 -6.12 15.52
N ARG A 96 -20.08 -5.76 16.55
CA ARG A 96 -21.27 -4.93 16.35
C ARG A 96 -20.89 -3.52 15.90
N ILE A 97 -19.77 -2.99 16.39
CA ILE A 97 -19.39 -1.66 15.95
C ILE A 97 -18.74 -1.72 14.58
N LEU A 98 -17.97 -2.79 14.31
CA LEU A 98 -17.45 -3.03 12.97
C LEU A 98 -18.58 -3.08 11.95
N LYS A 99 -19.67 -3.75 12.31
CA LYS A 99 -20.82 -3.83 11.42
C LYS A 99 -21.40 -2.45 11.16
N GLN A 100 -21.68 -1.70 12.24
CA GLN A 100 -22.22 -0.35 12.11
C GLN A 100 -21.27 0.57 11.32
N LEU A 101 -19.96 0.44 11.54
CA LEU A 101 -19.00 1.22 10.77
C LEU A 101 -19.05 0.87 9.29
N LYS A 102 -19.23 -0.41 8.94
CA LYS A 102 -19.34 -0.79 7.54
C LYS A 102 -20.58 -0.16 6.91
N GLU A 103 -21.71 -0.17 7.61
CA GLU A 103 -22.91 0.46 7.05
C GLU A 103 -22.65 1.94 6.78
N ALA A 104 -22.05 2.64 7.75
CA ALA A 104 -21.77 4.07 7.58
C ALA A 104 -20.96 4.33 6.30
N ILE A 105 -19.84 3.63 6.14
CA ILE A 105 -19.04 3.78 4.92
C ILE A 105 -19.89 3.50 3.69
N ARG A 106 -20.73 2.46 3.75
CA ARG A 106 -21.53 2.08 2.59
C ARG A 106 -22.57 3.13 2.28
N THR A 107 -23.12 3.77 3.31
CA THR A 107 -24.02 4.90 3.12
C THR A 107 -23.31 6.05 2.40
N PHE A 108 -22.07 6.35 2.79
CA PHE A 108 -21.32 7.42 2.16
C PHE A 108 -20.94 7.07 0.73
N GLN A 109 -20.54 5.81 0.50
CA GLN A 109 -20.17 5.38 -0.85
C GLN A 109 -21.36 5.42 -1.80
N ASN A 110 -22.58 5.29 -1.29
CA ASN A 110 -23.74 5.34 -2.16
C ASN A 110 -24.12 6.77 -2.49
N GLY A 111 -24.12 7.67 -1.50
CA GLY A 111 -24.34 9.06 -1.78
C GLY A 111 -24.96 9.88 -0.65
N ASP A 112 -25.73 9.24 0.22
CA ASP A 112 -26.39 9.95 1.32
C ASP A 112 -25.35 10.44 2.33
N GLN A 113 -24.55 11.43 1.93
CA GLN A 113 -23.35 11.78 2.68
C GLN A 113 -23.69 12.35 4.06
N GLU A 114 -24.80 13.08 4.16
CA GLU A 114 -25.16 13.66 5.45
C GLU A 114 -25.54 12.57 6.45
N GLU A 115 -26.28 11.55 6.00
CA GLU A 115 -26.63 10.42 6.88
C GLU A 115 -25.42 9.55 7.19
N ALA A 116 -24.53 9.36 6.22
CA ALA A 116 -23.27 8.69 6.51
C ALA A 116 -22.51 9.39 7.63
N GLU A 117 -22.47 10.72 7.58
CA GLU A 117 -21.69 11.49 8.55
C GLU A 117 -22.28 11.40 9.94
N THR A 118 -23.61 11.41 10.06
CA THR A 118 -24.19 11.37 11.40
C THR A 118 -24.08 9.96 11.97
N GLN A 119 -24.22 8.94 11.11
CA GLN A 119 -23.88 7.58 11.52
C GLN A 119 -22.41 7.47 11.95
N LEU A 120 -21.49 7.99 11.12
CA LEU A 120 -20.07 7.86 11.43
C LEU A 120 -19.69 8.59 12.72
N ARG A 121 -20.30 9.73 12.99
CA ARG A 121 -20.07 10.44 14.26
C ARG A 121 -20.37 9.51 15.44
N PHE A 122 -21.49 8.81 15.38
CA PHE A 122 -21.87 7.88 16.43
C PHE A 122 -20.90 6.70 16.52
N VAL A 123 -20.63 6.04 15.38
CA VAL A 123 -19.71 4.90 15.38
C VAL A 123 -18.38 5.27 16.04
N LEU A 124 -17.86 6.48 15.75
CA LEU A 124 -16.56 6.87 16.29
C LEU A 124 -16.60 6.93 17.82
N ARG A 125 -17.73 7.35 18.37
CA ARG A 125 -17.91 7.36 19.83
C ARG A 125 -17.99 5.93 20.37
N ALA A 126 -18.79 5.07 19.74
CA ALA A 126 -18.84 3.69 20.19
C ALA A 126 -17.46 3.04 20.07
N ALA A 127 -16.75 3.37 18.99
CA ALA A 127 -15.40 2.83 18.83
C ALA A 127 -14.49 3.30 19.97
N ILE A 128 -14.61 4.57 20.36
CA ILE A 128 -13.79 5.06 21.45
C ILE A 128 -14.21 4.40 22.74
N ALA A 129 -15.52 4.24 22.95
CA ALA A 129 -16.00 3.71 24.22
C ALA A 129 -15.57 2.25 24.39
N VAL A 130 -15.68 1.46 23.32
CA VAL A 130 -15.34 0.03 23.48
C VAL A 130 -13.85 -0.16 23.66
N ALA A 131 -13.01 0.69 23.06
CA ALA A 131 -11.58 0.58 23.34
C ALA A 131 -11.25 0.88 24.80
N VAL A 132 -11.83 1.94 25.40
CA VAL A 132 -11.52 2.27 26.79
C VAL A 132 -12.08 1.23 27.74
N VAL A 133 -13.28 0.69 27.45
CA VAL A 133 -13.75 -0.43 28.26
C VAL A 133 -12.70 -1.53 28.25
N ALA A 134 -12.23 -1.87 27.05
CA ALA A 134 -11.28 -2.97 26.87
C ALA A 134 -9.99 -2.70 27.66
N ALA A 135 -9.38 -1.53 27.44
CA ALA A 135 -8.19 -1.16 28.21
C ALA A 135 -8.46 -1.25 29.71
N ALA A 136 -9.58 -0.65 30.16
CA ALA A 136 -9.91 -0.67 31.58
C ALA A 136 -10.08 -2.09 32.12
N LEU A 137 -10.66 -2.98 31.32
CA LEU A 137 -10.76 -4.39 31.75
C LEU A 137 -9.38 -4.99 31.98
N VAL A 138 -8.41 -4.64 31.13
CA VAL A 138 -7.05 -5.14 31.31
C VAL A 138 -6.43 -4.56 32.57
N LEU A 139 -6.49 -3.23 32.72
CA LEU A 139 -5.94 -2.62 33.93
C LEU A 139 -6.67 -3.10 35.18
N ALA A 140 -7.95 -3.46 35.04
CA ALA A 140 -8.67 -4.05 36.16
C ALA A 140 -7.99 -5.34 36.64
N GLY A 141 -7.37 -6.08 35.72
CA GLY A 141 -6.72 -7.32 36.12
C GLY A 141 -7.68 -8.22 36.86
N THR A 142 -7.19 -8.82 37.94
CA THR A 142 -7.96 -9.75 38.73
C THR A 142 -8.86 -9.07 39.77
N ASP A 143 -8.95 -7.74 39.75
CA ASP A 143 -9.80 -7.05 40.73
C ASP A 143 -11.27 -7.35 40.45
N PRO A 144 -11.99 -7.99 41.37
CA PRO A 144 -13.41 -8.29 41.07
C PRO A 144 -14.31 -7.08 41.15
N GLU A 145 -14.10 -6.20 42.14
CA GLU A 145 -14.83 -4.95 42.19
C GLU A 145 -14.71 -4.19 40.86
N LEU A 146 -13.48 -4.01 40.34
CA LEU A 146 -13.29 -3.22 39.14
C LEU A 146 -13.85 -3.90 37.90
N GLN A 147 -13.69 -5.22 37.81
CA GLN A 147 -14.23 -6.00 36.68
C GLN A 147 -15.75 -5.96 36.64
N GLU A 148 -16.39 -5.95 37.82
CA GLU A 148 -17.83 -5.79 37.83
C GLU A 148 -18.19 -4.49 37.13
N MET A 149 -17.70 -3.38 37.68
CA MET A 149 -17.97 -2.06 37.15
C MET A 149 -17.74 -2.00 35.65
N VAL A 150 -16.59 -2.48 35.19
CA VAL A 150 -16.29 -2.43 33.76
C VAL A 150 -17.39 -3.15 32.96
N LYS A 151 -17.67 -4.40 33.32
CA LYS A 151 -18.73 -5.13 32.62
C LYS A 151 -20.11 -4.52 32.91
N GLN A 152 -20.28 -3.86 34.04
CA GLN A 152 -21.45 -2.99 34.22
C GLN A 152 -21.48 -1.91 33.14
N ILE A 153 -20.36 -1.20 32.94
CA ILE A 153 -20.31 -0.09 32.00
C ILE A 153 -20.54 -0.60 30.58
N LEU A 154 -20.06 -1.80 30.27
CA LEU A 154 -20.26 -2.38 28.94
C LEU A 154 -21.75 -2.63 28.67
N GLU A 155 -22.51 -2.98 29.70
CA GLU A 155 -23.95 -3.12 29.49
C GLU A 155 -24.57 -1.78 29.09
N GLU A 156 -24.16 -0.70 29.76
CA GLU A 156 -24.53 0.65 29.33
C GLU A 156 -24.17 0.88 27.87
N LEU A 157 -22.97 0.44 27.47
CA LEU A 157 -22.56 0.56 26.06
C LEU A 157 -23.54 -0.17 25.13
N LYS A 158 -23.86 -1.44 25.42
CA LYS A 158 -24.78 -2.17 24.54
C LYS A 158 -26.14 -1.49 24.47
N GLN A 159 -26.61 -0.93 25.58
CA GLN A 159 -27.86 -0.19 25.59
C GLN A 159 -27.81 1.00 24.64
N ALA A 160 -26.64 1.64 24.51
CA ALA A 160 -26.55 2.80 23.63
C ALA A 160 -26.72 2.42 22.17
N ILE A 161 -26.04 1.36 21.71
CA ILE A 161 -26.08 1.01 20.30
C ILE A 161 -27.51 0.71 19.85
N GLU A 162 -28.30 0.07 20.72
CA GLU A 162 -29.68 -0.24 20.37
C GLU A 162 -30.58 0.98 20.45
N THR A 163 -30.40 1.81 21.49
CA THR A 163 -31.09 3.09 21.50
C THR A 163 -30.86 3.81 20.19
N PHE A 164 -29.62 3.82 19.71
CA PHE A 164 -29.33 4.52 18.46
C PHE A 164 -29.96 3.80 17.29
N ALA A 165 -29.93 2.46 17.29
CA ALA A 165 -30.57 1.73 16.22
C ALA A 165 -32.09 1.93 16.21
N ARG A 166 -32.67 2.34 17.33
CA ARG A 166 -34.10 2.64 17.37
C ARG A 166 -34.42 4.07 16.95
N GLY A 167 -33.42 4.96 16.87
CA GLY A 167 -33.61 6.31 16.38
C GLY A 167 -33.53 7.41 17.42
N ASP A 168 -33.42 7.05 18.71
CA ASP A 168 -33.19 8.04 19.79
C ASP A 168 -31.70 8.38 19.85
N LYS A 169 -31.26 9.13 18.84
CA LYS A 169 -29.82 9.26 18.58
C LYS A 169 -29.10 10.01 19.69
N GLU A 170 -29.71 11.04 20.25
CA GLU A 170 -28.98 11.88 21.19
C GLU A 170 -28.98 11.32 22.61
N LYS A 171 -30.07 10.66 23.04
CA LYS A 171 -30.00 9.90 24.27
C LYS A 171 -28.83 8.91 24.22
N ALA A 172 -28.69 8.21 23.09
CA ALA A 172 -27.65 7.20 22.95
C ALA A 172 -26.26 7.81 22.93
N LEU A 173 -26.10 8.98 22.28
CA LEU A 173 -24.80 9.65 22.30
C LEU A 173 -24.44 10.09 23.72
N THR A 174 -25.42 10.58 24.48
CA THR A 174 -25.15 10.92 25.88
C THR A 174 -24.68 9.71 26.65
N GLN A 175 -25.23 8.53 26.32
CA GLN A 175 -24.90 7.32 27.04
C GLN A 175 -23.49 6.84 26.73
N LEU A 176 -23.08 6.94 25.46
CA LEU A 176 -21.70 6.60 25.13
C LEU A 176 -20.75 7.55 25.81
N LEU A 177 -21.10 8.84 25.80
CA LEU A 177 -20.31 9.82 26.52
C LEU A 177 -20.11 9.36 27.95
N PHE A 178 -21.21 9.05 28.64
CA PHE A 178 -21.08 8.52 29.99
C PHE A 178 -20.18 7.28 30.01
N VAL A 179 -20.44 6.31 29.12
CA VAL A 179 -19.61 5.09 29.07
C VAL A 179 -18.13 5.44 29.02
N ALA A 180 -17.76 6.35 28.11
CA ALA A 180 -16.35 6.64 27.87
C ALA A 180 -15.68 7.25 29.10
N TRP A 181 -16.27 8.32 29.67
CA TRP A 181 -15.68 8.94 30.86
C TRP A 181 -15.61 7.95 32.03
N ALA A 182 -16.64 7.10 32.19
CA ALA A 182 -16.69 6.16 33.31
C ALA A 182 -15.66 5.04 33.14
N ALA A 183 -15.59 4.45 31.95
CA ALA A 183 -14.60 3.41 31.73
C ALA A 183 -13.21 4.00 31.83
N HIS A 184 -13.07 5.26 31.39
CA HIS A 184 -11.80 5.94 31.51
C HIS A 184 -11.42 6.14 32.96
N ALA A 185 -12.39 6.56 33.79
CA ALA A 185 -12.12 6.73 35.21
C ALA A 185 -11.71 5.42 35.87
N VAL A 186 -12.37 4.31 35.51
CA VAL A 186 -11.96 3.01 36.03
C VAL A 186 -10.51 2.73 35.64
N ALA A 187 -10.17 2.94 34.37
CA ALA A 187 -8.79 2.72 33.94
C ALA A 187 -7.81 3.50 34.82
N MET A 188 -8.12 4.78 35.10
CA MET A 188 -7.24 5.63 35.90
C MET A 188 -7.12 5.15 37.33
N ILE A 189 -8.24 4.78 37.94
CA ILE A 189 -8.25 4.25 39.29
C ILE A 189 -7.45 2.93 39.35
N ALA A 190 -7.62 2.08 38.34
CA ALA A 190 -6.88 0.82 38.31
C ALA A 190 -5.38 1.06 38.17
N ALA A 191 -4.97 1.91 37.22
CA ALA A 191 -3.55 2.21 37.06
C ALA A 191 -2.97 2.82 38.33
N ALA A 192 -3.74 3.70 39.00
CA ALA A 192 -3.27 4.32 40.23
C ALA A 192 -3.10 3.29 41.36
N ALA A 193 -4.04 2.36 41.48
CA ALA A 193 -3.88 1.31 42.49
C ALA A 193 -2.63 0.45 42.24
N ASN A 194 -2.35 0.12 40.97
CA ASN A 194 -1.15 -0.63 40.63
C ASN A 194 0.12 0.16 40.95
N LEU A 195 0.10 1.48 40.72
CA LEU A 195 1.30 2.28 40.95
C LEU A 195 1.54 2.51 42.43
N ALA A 196 0.46 2.62 43.21
CA ALA A 196 0.59 2.95 44.62
C ALA A 196 1.20 1.82 45.44
N GLY A 197 1.21 0.59 44.93
CA GLY A 197 1.62 -0.51 45.77
C GLY A 197 0.75 -0.60 47.02
N THR A 198 1.40 -0.78 48.16
CA THR A 198 0.71 -0.93 49.43
C THR A 198 0.62 0.38 50.19
N ASP A 199 0.97 1.51 49.57
CA ASP A 199 0.99 2.79 50.26
C ASP A 199 -0.35 3.04 50.95
N PRO A 200 -0.37 3.11 52.30
CA PRO A 200 -1.63 3.33 53.02
C PRO A 200 -2.48 4.50 52.53
N ARG A 201 -1.89 5.70 52.40
CA ARG A 201 -2.67 6.88 52.07
C ARG A 201 -3.15 6.87 50.62
N LEU A 202 -2.27 6.51 49.70
CA LEU A 202 -2.65 6.46 48.29
C LEU A 202 -3.76 5.47 48.06
N GLN A 203 -3.72 4.34 48.77
CA GLN A 203 -4.77 3.33 48.66
C GLN A 203 -6.09 3.89 49.18
N GLN A 204 -6.08 4.52 50.35
CA GLN A 204 -7.29 5.16 50.84
C GLN A 204 -7.79 6.20 49.83
N GLN A 205 -6.89 6.98 49.26
CA GLN A 205 -7.30 8.01 48.32
C GLN A 205 -7.91 7.41 47.07
N VAL A 206 -7.37 6.27 46.60
CA VAL A 206 -7.97 5.58 45.46
C VAL A 206 -9.33 5.01 45.84
N LYS A 207 -9.44 4.47 47.05
CA LYS A 207 -10.72 3.93 47.47
C LYS A 207 -11.80 5.02 47.45
N GLU A 208 -11.47 6.22 47.96
CA GLU A 208 -12.40 7.35 47.93
C GLU A 208 -12.86 7.64 46.51
N ILE A 209 -11.93 7.66 45.56
CA ILE A 209 -12.34 8.01 44.20
C ILE A 209 -13.23 6.93 43.61
N LEU A 210 -12.91 5.66 43.88
CA LEU A 210 -13.75 4.56 43.41
C LEU A 210 -15.17 4.69 43.93
N GLU A 211 -15.33 5.06 45.22
CA GLU A 211 -16.65 5.21 45.79
C GLU A 211 -17.43 6.34 45.12
N LYS A 212 -16.75 7.42 44.76
CA LYS A 212 -17.41 8.51 44.04
C LYS A 212 -17.71 8.10 42.60
N LEU A 213 -16.92 7.21 42.02
CA LEU A 213 -17.25 6.76 40.68
C LEU A 213 -18.50 5.88 40.70
N LYS A 214 -18.63 5.05 41.74
CA LYS A 214 -19.79 4.20 41.83
C LYS A 214 -21.04 5.03 42.06
N GLU A 215 -20.93 6.10 42.85
CA GLU A 215 -22.06 6.97 43.04
C GLU A 215 -22.46 7.65 41.74
N ALA A 216 -21.47 8.14 40.97
CA ALA A 216 -21.76 8.73 39.65
C ALA A 216 -22.49 7.75 38.75
N ILE A 217 -21.99 6.50 38.67
CA ILE A 217 -22.71 5.47 37.91
C ILE A 217 -24.12 5.30 38.43
N GLU A 218 -24.26 5.22 39.75
CA GLU A 218 -25.60 5.02 40.31
C GLU A 218 -26.51 6.17 39.95
N THR A 219 -26.02 7.41 40.06
CA THR A 219 -26.87 8.56 39.75
C THR A 219 -27.28 8.56 38.29
N PHE A 220 -26.35 8.18 37.41
CA PHE A 220 -26.70 8.14 36.00
C PHE A 220 -27.77 7.09 35.74
N GLN A 221 -27.72 5.97 36.46
CA GLN A 221 -28.72 4.94 36.30
C GLN A 221 -30.10 5.39 36.79
N LYS A 222 -30.14 6.23 37.83
CA LYS A 222 -31.38 6.86 38.29
C LYS A 222 -31.94 7.89 37.30
N GLY A 223 -31.19 8.26 36.27
CA GLY A 223 -31.68 9.22 35.31
C GLY A 223 -31.37 10.68 35.60
N ASP A 224 -30.54 10.97 36.62
CA ASP A 224 -30.14 12.36 36.93
C ASP A 224 -28.83 12.68 36.22
N GLU A 225 -28.98 12.87 34.91
CA GLU A 225 -27.81 12.98 34.04
C GLU A 225 -26.96 14.18 34.41
N GLU A 226 -27.57 15.36 34.54
CA GLU A 226 -26.81 16.57 34.84
C GLU A 226 -25.91 16.37 36.06
N GLN A 227 -26.47 15.84 37.15
CA GLN A 227 -25.65 15.63 38.34
C GLN A 227 -24.63 14.52 38.15
N ALA A 228 -24.94 13.49 37.37
CA ALA A 228 -23.98 12.41 37.18
C ALA A 228 -22.79 12.86 36.34
N PHE A 229 -23.04 13.69 35.33
CA PHE A 229 -21.96 14.21 34.51
C PHE A 229 -21.04 15.11 35.31
N ARG A 230 -21.60 15.91 36.22
CA ARG A 230 -20.77 16.73 37.11
C ARG A 230 -19.86 15.86 37.95
N GLN A 231 -20.44 14.93 38.72
CA GLN A 231 -19.67 14.03 39.57
C GLN A 231 -18.62 13.23 38.78
N LEU A 232 -18.94 12.83 37.55
CA LEU A 232 -18.01 12.05 36.76
C LEU A 232 -16.83 12.89 36.28
N ALA A 233 -17.11 14.09 35.76
CA ALA A 233 -16.03 14.98 35.36
C ALA A 233 -15.13 15.29 36.55
N GLU A 234 -15.70 15.41 37.75
CA GLU A 234 -14.91 15.64 38.94
C GLU A 234 -14.04 14.43 39.27
N VAL A 235 -14.65 13.25 39.25
CA VAL A 235 -13.95 12.01 39.55
C VAL A 235 -12.76 11.82 38.62
N LEU A 236 -12.95 12.11 37.34
CA LEU A 236 -11.85 11.88 36.39
C LEU A 236 -10.66 12.80 36.68
N ALA A 237 -10.91 14.05 37.08
CA ALA A 237 -9.77 14.89 37.46
C ALA A 237 -9.11 14.36 38.72
N GLU A 238 -9.90 13.95 39.71
CA GLU A 238 -9.33 13.43 40.95
C GLU A 238 -8.65 12.08 40.73
N ALA A 239 -9.16 11.24 39.83
CA ALA A 239 -8.44 9.99 39.56
C ALA A 239 -7.10 10.29 38.93
N ALA A 240 -7.06 11.32 38.09
CA ALA A 240 -5.84 11.63 37.35
C ALA A 240 -4.79 12.21 38.27
N LEU A 241 -5.20 13.08 39.20
CA LEU A 241 -4.21 13.67 40.09
C LEU A 241 -3.58 12.58 40.95
N VAL A 242 -4.41 11.64 41.42
CA VAL A 242 -3.92 10.57 42.25
C VAL A 242 -3.10 9.56 41.42
N ALA A 243 -3.45 9.35 40.16
CA ALA A 243 -2.62 8.46 39.35
C ALA A 243 -1.23 9.05 39.13
N LEU A 244 -1.13 10.39 39.11
CA LEU A 244 0.15 11.04 38.89
C LEU A 244 1.02 10.99 40.14
N ARG A 245 0.44 11.29 41.31
CA ARG A 245 1.21 11.20 42.55
C ARG A 245 1.72 9.79 42.78
N ALA A 246 0.93 8.79 42.41
CA ALA A 246 1.37 7.40 42.52
C ALA A 246 2.53 7.13 41.58
N ALA A 247 2.36 7.47 40.30
CA ALA A 247 3.45 7.25 39.37
C ALA A 247 4.71 8.00 39.78
N LEU A 248 4.56 9.13 40.50
CA LEU A 248 5.70 9.87 41.01
C LEU A 248 6.30 9.24 42.26
N THR A 249 5.82 8.05 42.62
CA THR A 249 6.33 7.24 43.72
C THR A 249 7.03 5.99 43.24
N ASN A 250 6.48 5.32 42.23
CA ASN A 250 7.01 4.05 41.74
C ASN A 250 6.42 3.74 40.38
N ASP B 7 25.63 2.78 -11.96
CA ASP B 7 26.37 3.53 -12.96
C ASP B 7 26.60 2.64 -14.19
N GLU B 8 27.22 1.47 -13.96
CA GLU B 8 27.34 0.49 -15.02
C GLU B 8 26.01 -0.17 -15.32
N GLU B 9 25.10 -0.20 -14.34
CA GLU B 9 23.72 -0.61 -14.60
C GLU B 9 22.92 0.51 -15.25
N PHE B 10 23.12 1.76 -14.80
CA PHE B 10 22.36 2.87 -15.34
C PHE B 10 22.54 3.00 -16.85
N LYS B 11 23.79 2.91 -17.31
CA LYS B 11 24.04 2.88 -18.75
C LYS B 11 23.20 1.81 -19.43
N PHE B 12 23.11 0.63 -18.82
CA PHE B 12 22.40 -0.48 -19.45
C PHE B 12 20.91 -0.23 -19.49
N LEU B 13 20.35 0.28 -18.40
CA LEU B 13 18.92 0.52 -18.35
C LEU B 13 18.52 1.56 -19.37
N ALA B 14 19.27 2.68 -19.41
CA ALA B 14 18.98 3.71 -20.39
C ALA B 14 19.13 3.20 -21.80
N THR B 15 20.07 2.26 -22.02
CA THR B 15 20.16 1.60 -23.32
C THR B 15 18.88 0.82 -23.65
N GLU B 16 18.32 0.11 -22.67
CA GLU B 16 17.06 -0.59 -22.92
C GLU B 16 15.93 0.40 -23.15
N ALA B 17 15.77 1.39 -22.26
CA ALA B 17 14.69 2.37 -22.40
C ALA B 17 14.72 3.06 -23.76
N LYS B 18 15.90 3.46 -24.23
CA LYS B 18 16.03 4.12 -25.52
C LYS B 18 15.69 3.18 -26.67
N MET B 19 16.00 1.88 -26.54
CA MET B 19 15.54 0.91 -27.54
C MET B 19 14.01 0.82 -27.55
N LEU B 20 13.39 0.80 -26.36
CA LEU B 20 11.94 0.67 -26.28
C LEU B 20 11.24 1.88 -26.86
N ILE B 21 11.74 3.10 -26.57
CA ILE B 21 11.09 4.27 -27.14
C ILE B 21 11.32 4.33 -28.64
N THR B 22 12.46 3.84 -29.12
CA THR B 22 12.73 3.91 -30.54
C THR B 22 11.79 3.01 -31.32
N ALA B 23 11.59 1.78 -30.83
CA ALA B 23 10.60 0.88 -31.41
C ALA B 23 9.19 1.46 -31.33
N ALA B 24 8.81 1.99 -30.17
CA ALA B 24 7.44 2.52 -30.01
C ALA B 24 7.22 3.73 -30.90
N GLU B 25 8.23 4.60 -31.02
CA GLU B 25 8.16 5.71 -31.95
C GLU B 25 7.85 5.22 -33.36
N ARG B 26 8.49 4.12 -33.78
CA ARG B 26 8.18 3.55 -35.08
C ARG B 26 6.81 2.90 -35.08
N LEU B 27 6.43 2.23 -33.98
CA LEU B 27 5.14 1.54 -33.94
C LEU B 27 3.99 2.53 -33.93
N ALA B 28 4.22 3.72 -33.35
CA ALA B 28 3.16 4.70 -33.24
C ALA B 28 2.60 5.12 -34.58
N GLY B 29 3.42 5.07 -35.64
CA GLY B 29 2.91 5.51 -36.93
C GLY B 29 2.50 6.97 -36.87
N THR B 30 1.45 7.31 -37.62
CA THR B 30 0.92 8.67 -37.65
C THR B 30 -0.10 8.97 -36.53
N ASP B 31 -0.17 8.14 -35.48
CA ASP B 31 -1.14 8.40 -34.41
C ASP B 31 -0.64 9.41 -33.38
N PRO B 32 -1.25 10.59 -33.30
CA PRO B 32 -0.76 11.63 -32.37
C PRO B 32 -0.82 11.24 -30.90
N GLU B 33 -1.85 10.50 -30.47
CA GLU B 33 -1.94 10.11 -29.06
C GLU B 33 -0.81 9.16 -28.67
N LEU B 34 -0.45 8.23 -29.54
CA LEU B 34 0.72 7.38 -29.28
C LEU B 34 2.01 8.17 -29.46
N GLN B 35 2.08 8.96 -30.53
CA GLN B 35 3.21 9.86 -30.69
C GLN B 35 3.43 10.70 -29.44
N GLU B 36 2.37 11.30 -28.90
CA GLU B 36 2.55 12.17 -27.74
C GLU B 36 3.01 11.38 -26.52
N MET B 37 2.47 10.16 -26.35
CA MET B 37 2.88 9.29 -25.26
C MET B 37 4.36 8.91 -25.38
N VAL B 38 4.81 8.57 -26.59
CA VAL B 38 6.21 8.18 -26.76
C VAL B 38 7.12 9.38 -26.50
N ALA B 39 6.77 10.54 -27.06
CA ALA B 39 7.57 11.74 -26.84
C ALA B 39 7.56 12.13 -25.35
N LEU B 40 6.44 11.92 -24.65
CA LEU B 40 6.45 12.24 -23.23
C LEU B 40 7.38 11.32 -22.46
N ILE B 41 7.39 10.03 -22.77
CA ILE B 41 8.29 9.11 -22.08
C ILE B 41 9.74 9.39 -22.48
N LYS B 42 9.95 9.73 -23.76
CA LYS B 42 11.30 10.08 -24.21
C LYS B 42 11.81 11.34 -23.51
N LYS B 43 10.92 12.27 -23.17
CA LYS B 43 11.36 13.47 -22.44
C LYS B 43 11.79 13.11 -21.04
N GLU B 44 11.18 12.09 -20.46
CA GLU B 44 11.47 11.73 -19.08
C GLU B 44 12.72 10.88 -18.98
N LEU B 45 13.02 10.11 -20.03
CA LEU B 45 14.28 9.39 -20.09
C LEU B 45 15.45 10.36 -20.22
N GLU B 46 15.37 11.29 -21.17
CA GLU B 46 16.40 12.31 -21.33
C GLU B 46 16.59 13.09 -20.03
N GLN B 47 15.50 13.37 -19.31
CA GLN B 47 15.59 14.10 -18.06
C GLN B 47 16.31 13.29 -16.99
N ALA B 48 16.02 11.99 -16.91
CA ALA B 48 16.74 11.11 -15.99
C ALA B 48 18.23 11.12 -16.29
N GLU B 49 18.58 10.88 -17.55
CA GLU B 49 19.98 10.95 -18.00
C GLU B 49 20.61 12.30 -17.62
N ARG B 50 19.85 13.39 -17.74
CA ARG B 50 20.35 14.71 -17.36
C ARG B 50 20.66 14.78 -15.88
N THR B 51 19.78 14.20 -15.05
CA THR B 51 20.03 14.21 -13.60
C THR B 51 21.31 13.44 -13.28
N PHE B 52 21.45 12.23 -13.85
CA PHE B 52 22.63 11.40 -13.64
C PHE B 52 23.91 12.15 -14.03
N ARG B 53 23.84 12.95 -15.10
CA ARG B 53 24.99 13.73 -15.55
C ARG B 53 25.25 14.91 -14.62
N ASN B 54 24.20 15.49 -14.04
CA ASN B 54 24.39 16.48 -12.99
C ASN B 54 24.53 15.78 -11.65
N GLY B 55 24.00 16.37 -10.59
CA GLY B 55 24.22 15.85 -9.26
C GLY B 55 23.62 14.49 -8.96
N ASP B 56 22.31 14.43 -8.82
CA ASP B 56 21.64 13.36 -8.07
C ASP B 56 21.54 12.09 -8.90
N LYS B 57 22.42 11.12 -8.61
CA LYS B 57 22.38 9.85 -9.33
C LYS B 57 21.33 8.89 -8.78
N SER B 58 20.95 9.03 -7.49
CA SER B 58 20.03 8.07 -6.89
C SER B 58 18.58 8.37 -7.23
N GLU B 59 18.17 9.64 -7.19
CA GLU B 59 16.83 9.97 -7.67
C GLU B 59 16.74 9.79 -9.18
N ALA B 60 17.87 9.92 -9.88
CA ALA B 60 17.88 9.69 -11.32
C ALA B 60 17.67 8.22 -11.66
N GLN B 61 18.17 7.30 -10.82
CA GLN B 61 18.02 5.88 -11.08
C GLN B 61 16.60 5.39 -10.80
N ARG B 62 15.92 5.96 -9.79
CA ARG B 62 14.50 5.71 -9.63
C ARG B 62 13.74 6.22 -10.86
N GLN B 63 14.13 7.39 -11.35
CA GLN B 63 13.50 7.95 -12.54
C GLN B 63 13.63 7.01 -13.73
N LEU B 64 14.81 6.41 -13.91
CA LEU B 64 15.06 5.64 -15.11
C LEU B 64 14.37 4.29 -15.04
N GLU B 65 14.36 3.65 -13.86
CA GLU B 65 13.60 2.42 -13.71
C GLU B 65 12.12 2.67 -13.99
N PHE B 66 11.59 3.78 -13.48
CA PHE B 66 10.19 4.12 -13.76
C PHE B 66 9.98 4.36 -15.25
N VAL B 67 10.92 5.05 -15.90
CA VAL B 67 10.80 5.35 -17.33
C VAL B 67 10.89 4.06 -18.16
N LEU B 68 11.76 3.13 -17.74
CA LEU B 68 11.92 1.88 -18.47
C LEU B 68 10.64 1.06 -18.43
N THR B 69 9.95 1.03 -17.29
CA THR B 69 8.66 0.38 -17.21
C THR B 69 7.66 1.04 -18.17
N ALA B 70 7.61 2.37 -18.16
CA ALA B 70 6.67 3.11 -18.99
C ALA B 70 6.99 2.94 -20.48
N ALA B 71 8.28 2.91 -20.84
CA ALA B 71 8.66 2.67 -22.23
C ALA B 71 8.19 1.28 -22.69
N ARG B 72 8.30 0.29 -21.82
CA ARG B 72 7.76 -1.02 -22.17
C ARG B 72 6.24 -0.96 -22.30
N ALA B 73 5.57 -0.23 -21.42
CA ALA B 73 4.12 -0.19 -21.49
C ALA B 73 3.67 0.46 -22.79
N VAL B 74 4.37 1.49 -23.26
CA VAL B 74 3.88 2.18 -24.44
C VAL B 74 4.23 1.42 -25.71
N MET B 75 5.33 0.67 -25.70
CA MET B 75 5.62 -0.19 -26.84
C MET B 75 4.57 -1.30 -26.96
N ASN B 76 4.08 -1.81 -25.83
CA ASN B 76 3.05 -2.84 -25.87
C ASN B 76 1.72 -2.27 -26.31
N VAL B 77 1.35 -1.10 -25.77
CA VAL B 77 0.15 -0.41 -26.23
C VAL B 77 0.21 -0.18 -27.73
N ALA B 78 1.35 0.34 -28.23
CA ALA B 78 1.44 0.68 -29.65
C ALA B 78 1.47 -0.57 -30.52
N ALA B 79 2.01 -1.68 -30.01
CA ALA B 79 1.89 -2.95 -30.70
C ALA B 79 0.44 -3.41 -30.75
N ALA B 80 -0.32 -3.16 -29.68
CA ALA B 80 -1.71 -3.63 -29.62
C ALA B 80 -2.60 -2.81 -30.54
N ALA B 81 -2.28 -1.50 -30.70
CA ALA B 81 -3.05 -0.64 -31.58
C ALA B 81 -2.86 -1.04 -33.03
N ASN B 82 -1.66 -1.51 -33.40
CA ASN B 82 -1.46 -1.99 -34.76
C ASN B 82 -2.23 -3.29 -35.03
N ALA B 83 -2.34 -4.16 -34.03
CA ALA B 83 -3.03 -5.43 -34.25
C ALA B 83 -4.54 -5.27 -34.14
N ALA B 84 -5.01 -4.33 -33.31
CA ALA B 84 -6.45 -4.15 -33.11
C ALA B 84 -7.18 -3.81 -34.40
N GLY B 85 -6.51 -3.21 -35.35
CA GLY B 85 -7.20 -2.75 -36.55
C GLY B 85 -8.18 -1.63 -36.21
N THR B 86 -9.44 -1.83 -36.59
CA THR B 86 -10.52 -0.94 -36.20
C THR B 86 -11.54 -1.63 -35.30
N ASP B 87 -11.14 -2.72 -34.64
CA ASP B 87 -12.04 -3.40 -33.72
C ASP B 87 -12.39 -2.47 -32.57
N PRO B 88 -13.68 -2.15 -32.37
CA PRO B 88 -14.02 -1.07 -31.44
C PRO B 88 -13.66 -1.34 -29.99
N GLU B 89 -13.93 -2.54 -29.45
CA GLU B 89 -13.59 -2.80 -28.05
C GLU B 89 -12.08 -2.74 -27.82
N LEU B 90 -11.29 -3.25 -28.78
CA LEU B 90 -9.84 -3.14 -28.64
C LEU B 90 -9.36 -1.70 -28.74
N ILE B 91 -9.93 -0.93 -29.69
CA ILE B 91 -9.57 0.49 -29.81
C ILE B 91 -9.92 1.23 -28.53
N GLU B 92 -11.04 0.86 -27.89
CA GLU B 92 -11.41 1.52 -26.63
C GLU B 92 -10.51 1.08 -25.50
N MET B 93 -10.05 -0.17 -25.54
CA MET B 93 -9.19 -0.68 -24.50
C MET B 93 -7.81 -0.02 -24.54
N VAL B 94 -7.26 0.18 -25.75
CA VAL B 94 -5.99 0.88 -25.92
C VAL B 94 -6.09 2.32 -25.39
N LEU B 95 -7.23 2.97 -25.61
CA LEU B 95 -7.41 4.33 -25.14
C LEU B 95 -7.34 4.39 -23.61
N ARG B 96 -8.04 3.47 -22.94
CA ARG B 96 -8.12 3.49 -21.49
C ARG B 96 -6.75 3.27 -20.87
N ILE B 97 -5.98 2.31 -21.40
CA ILE B 97 -4.65 2.07 -20.86
C ILE B 97 -3.74 3.27 -21.11
N LEU B 98 -3.90 3.97 -22.23
CA LEU B 98 -3.06 5.13 -22.48
C LEU B 98 -3.38 6.26 -21.51
N LYS B 99 -4.67 6.52 -21.27
CA LYS B 99 -5.04 7.53 -20.28
C LYS B 99 -4.43 7.20 -18.92
N GLN B 100 -4.55 5.94 -18.50
CA GLN B 100 -3.98 5.50 -17.23
C GLN B 100 -2.47 5.65 -17.21
N LEU B 101 -1.82 5.48 -18.37
CA LEU B 101 -0.38 5.64 -18.50
C LEU B 101 0.03 7.09 -18.28
N LYS B 102 -0.69 8.03 -18.91
CA LYS B 102 -0.45 9.44 -18.67
C LYS B 102 -0.61 9.79 -17.19
N GLU B 103 -1.77 9.44 -16.61
CA GLU B 103 -2.05 9.79 -15.22
C GLU B 103 -0.94 9.32 -14.28
N ALA B 104 -0.36 8.15 -14.55
CA ALA B 104 0.74 7.66 -13.72
C ALA B 104 2.02 8.44 -13.95
N ILE B 105 2.24 8.90 -15.18
CA ILE B 105 3.47 9.64 -15.44
C ILE B 105 3.39 11.03 -14.82
N ARG B 106 2.22 11.68 -14.92
CA ARG B 106 2.03 12.98 -14.28
C ARG B 106 2.16 12.87 -12.77
N THR B 107 1.64 11.77 -12.20
CA THR B 107 1.77 11.54 -10.77
C THR B 107 3.22 11.38 -10.36
N PHE B 108 4.05 10.70 -11.18
CA PHE B 108 5.46 10.57 -10.85
C PHE B 108 6.18 11.91 -10.95
N GLN B 109 5.87 12.68 -11.99
CA GLN B 109 6.51 13.99 -12.17
C GLN B 109 6.21 14.91 -11.00
N ASN B 110 5.00 14.86 -10.47
CA ASN B 110 4.54 15.78 -9.43
C ASN B 110 4.77 15.27 -8.01
N GLY B 111 5.74 14.36 -7.82
CA GLY B 111 6.18 14.00 -6.48
C GLY B 111 5.76 12.64 -5.93
N ASP B 112 4.49 12.28 -6.07
CA ASP B 112 3.96 11.08 -5.41
C ASP B 112 4.44 9.83 -6.15
N GLN B 113 5.75 9.56 -5.99
CA GLN B 113 6.43 8.55 -6.80
C GLN B 113 6.07 7.13 -6.39
N GLU B 114 5.66 6.92 -5.13
CA GLU B 114 5.27 5.59 -4.69
C GLU B 114 3.91 5.20 -5.27
N GLU B 115 3.01 6.16 -5.40
CA GLU B 115 1.69 5.88 -5.98
C GLU B 115 1.80 5.70 -7.49
N ALA B 116 2.67 6.47 -8.13
CA ALA B 116 2.89 6.32 -9.58
C ALA B 116 3.41 4.92 -9.90
N GLU B 117 4.36 4.42 -9.11
CA GLU B 117 5.00 3.15 -9.43
C GLU B 117 4.04 1.98 -9.24
N THR B 118 3.10 2.09 -8.29
CA THR B 118 2.07 1.07 -8.14
C THR B 118 1.15 1.05 -9.35
N GLN B 119 0.64 2.22 -9.73
CA GLN B 119 -0.15 2.37 -10.96
C GLN B 119 0.57 1.80 -12.17
N LEU B 120 1.87 2.08 -12.29
CA LEU B 120 2.61 1.64 -13.46
C LEU B 120 2.81 0.11 -13.46
N ARG B 121 2.95 -0.50 -12.28
CA ARG B 121 2.96 -1.97 -12.24
C ARG B 121 1.70 -2.51 -12.90
N PHE B 122 0.53 -1.95 -12.55
CA PHE B 122 -0.71 -2.37 -13.18
C PHE B 122 -0.73 -2.02 -14.68
N VAL B 123 -0.44 -0.75 -15.01
CA VAL B 123 -0.51 -0.31 -16.41
C VAL B 123 0.31 -1.22 -17.32
N LEU B 124 1.56 -1.53 -16.94
CA LEU B 124 2.37 -2.43 -17.77
C LEU B 124 1.71 -3.79 -17.91
N ARG B 125 1.17 -4.34 -16.81
CA ARG B 125 0.43 -5.60 -16.90
C ARG B 125 -0.72 -5.48 -17.88
N ALA B 126 -1.46 -4.36 -17.84
CA ALA B 126 -2.59 -4.21 -18.74
C ALA B 126 -2.13 -3.97 -20.17
N ALA B 127 -1.00 -3.27 -20.34
CA ALA B 127 -0.49 -3.02 -21.68
C ALA B 127 -0.06 -4.32 -22.34
N ILE B 128 0.57 -5.22 -21.58
CA ILE B 128 0.97 -6.51 -22.12
C ILE B 128 -0.27 -7.34 -22.47
N ALA B 129 -1.21 -7.46 -21.52
CA ALA B 129 -2.41 -8.25 -21.76
C ALA B 129 -3.11 -7.82 -23.05
N VAL B 130 -3.24 -6.49 -23.28
CA VAL B 130 -4.01 -6.05 -24.44
C VAL B 130 -3.26 -6.31 -25.75
N ALA B 131 -1.93 -6.25 -25.74
CA ALA B 131 -1.21 -6.67 -26.93
C ALA B 131 -1.39 -8.16 -27.19
N VAL B 132 -1.36 -8.97 -26.13
CA VAL B 132 -1.51 -10.41 -26.35
C VAL B 132 -2.91 -10.71 -26.88
N VAL B 133 -3.93 -10.05 -26.30
CA VAL B 133 -5.31 -10.24 -26.76
C VAL B 133 -5.42 -9.89 -28.24
N ALA B 134 -4.82 -8.77 -28.65
CA ALA B 134 -4.93 -8.33 -30.03
C ALA B 134 -4.23 -9.30 -30.98
N ALA B 135 -3.03 -9.77 -30.61
CA ALA B 135 -2.39 -10.81 -31.41
C ALA B 135 -3.26 -12.06 -31.49
N ALA B 136 -3.87 -12.46 -30.38
CA ALA B 136 -4.75 -13.63 -30.40
C ALA B 136 -5.92 -13.42 -31.35
N LEU B 137 -6.52 -12.22 -31.35
CA LEU B 137 -7.64 -11.93 -32.24
C LEU B 137 -7.23 -12.00 -33.70
N VAL B 138 -6.03 -11.46 -34.03
CA VAL B 138 -5.46 -11.60 -35.36
C VAL B 138 -5.24 -13.07 -35.71
N LEU B 139 -4.63 -13.82 -34.80
CA LEU B 139 -4.26 -15.20 -35.11
C LEU B 139 -5.49 -16.08 -35.20
N ALA B 140 -6.52 -15.79 -34.40
CA ALA B 140 -7.76 -16.55 -34.48
C ALA B 140 -8.45 -16.38 -35.82
N GLY B 141 -8.18 -15.29 -36.54
CA GLY B 141 -8.73 -15.11 -37.88
C GLY B 141 -10.24 -15.18 -37.89
N THR B 142 -10.79 -16.21 -38.55
CA THR B 142 -12.23 -16.36 -38.74
C THR B 142 -12.84 -17.51 -37.96
N ASP B 143 -12.05 -18.27 -37.18
CA ASP B 143 -12.54 -19.39 -36.37
C ASP B 143 -13.47 -18.88 -35.29
N PRO B 144 -14.78 -19.13 -35.40
CA PRO B 144 -15.73 -18.49 -34.47
C PRO B 144 -15.58 -18.96 -33.04
N GLU B 145 -15.11 -20.18 -32.81
CA GLU B 145 -14.77 -20.65 -31.47
C GLU B 145 -13.77 -19.71 -30.81
N LEU B 146 -12.65 -19.48 -31.49
CA LEU B 146 -11.57 -18.70 -30.91
C LEU B 146 -11.95 -17.23 -30.78
N GLN B 147 -12.80 -16.71 -31.68
CA GLN B 147 -13.22 -15.33 -31.54
C GLN B 147 -14.03 -15.10 -30.28
N GLU B 148 -14.85 -16.07 -29.88
CA GLU B 148 -15.68 -15.87 -28.69
C GLU B 148 -14.81 -15.87 -27.44
N MET B 149 -13.92 -16.85 -27.32
CA MET B 149 -13.01 -16.88 -26.19
C MET B 149 -12.15 -15.61 -26.13
N VAL B 150 -11.55 -15.23 -27.26
CA VAL B 150 -10.80 -13.98 -27.32
C VAL B 150 -11.68 -12.82 -26.87
N LYS B 151 -12.91 -12.77 -27.38
CA LYS B 151 -13.87 -11.76 -26.96
C LYS B 151 -14.25 -11.92 -25.48
N GLN B 152 -14.31 -13.16 -24.99
CA GLN B 152 -14.57 -13.37 -23.57
C GLN B 152 -13.41 -12.85 -22.72
N ILE B 153 -12.18 -13.16 -23.12
CA ILE B 153 -11.00 -12.71 -22.39
C ILE B 153 -10.92 -11.18 -22.40
N LEU B 154 -11.26 -10.55 -23.54
CA LEU B 154 -11.27 -9.09 -23.63
C LEU B 154 -12.25 -8.47 -22.63
N GLU B 155 -13.40 -9.11 -22.41
CA GLU B 155 -14.35 -8.58 -21.43
C GLU B 155 -13.74 -8.63 -20.04
N GLU B 156 -13.07 -9.75 -19.71
CA GLU B 156 -12.41 -9.87 -18.41
C GLU B 156 -11.36 -8.77 -18.23
N LEU B 157 -10.76 -8.31 -19.32
CA LEU B 157 -9.75 -7.28 -19.26
C LEU B 157 -10.39 -5.91 -19.05
N LYS B 158 -11.55 -5.67 -19.68
CA LYS B 158 -12.26 -4.41 -19.44
C LYS B 158 -12.67 -4.32 -17.98
N GLN B 159 -13.27 -5.40 -17.46
CA GLN B 159 -13.61 -5.46 -16.05
C GLN B 159 -12.39 -5.17 -15.18
N ALA B 160 -11.24 -5.78 -15.52
CA ALA B 160 -10.06 -5.65 -14.67
C ALA B 160 -9.57 -4.21 -14.61
N ILE B 161 -9.55 -3.52 -15.75
CA ILE B 161 -9.22 -2.10 -15.73
C ILE B 161 -10.23 -1.34 -14.91
N GLU B 162 -11.51 -1.64 -15.08
CA GLU B 162 -12.53 -0.99 -14.26
C GLU B 162 -12.29 -1.26 -12.77
N THR B 163 -11.94 -2.50 -12.41
CA THR B 163 -11.69 -2.84 -11.00
C THR B 163 -10.55 -2.00 -10.41
N PHE B 164 -9.52 -1.71 -11.20
CA PHE B 164 -8.41 -0.90 -10.70
C PHE B 164 -8.81 0.55 -10.51
N ALA B 165 -9.65 1.09 -11.41
CA ALA B 165 -10.07 2.47 -11.28
C ALA B 165 -10.98 2.69 -10.07
N ARG B 166 -11.62 1.62 -9.58
CA ARG B 166 -12.48 1.74 -8.40
C ARG B 166 -11.72 1.59 -7.10
N GLY B 167 -10.52 1.01 -7.13
CA GLY B 167 -9.65 0.94 -5.97
C GLY B 167 -9.34 -0.46 -5.46
N ASP B 168 -9.86 -1.53 -6.06
CA ASP B 168 -9.53 -2.89 -5.65
C ASP B 168 -8.27 -3.33 -6.37
N LYS B 169 -7.13 -2.83 -5.88
CA LYS B 169 -5.86 -3.04 -6.57
C LYS B 169 -5.48 -4.52 -6.59
N GLU B 170 -5.55 -5.18 -5.43
CA GLU B 170 -5.13 -6.58 -5.34
C GLU B 170 -5.97 -7.48 -6.24
N LYS B 171 -7.28 -7.22 -6.31
CA LYS B 171 -8.14 -8.09 -7.11
C LYS B 171 -7.92 -7.86 -8.61
N ALA B 172 -7.91 -6.60 -9.04
CA ALA B 172 -7.69 -6.32 -10.46
C ALA B 172 -6.37 -6.91 -10.95
N LEU B 173 -5.33 -6.83 -10.12
CA LEU B 173 -4.02 -7.33 -10.55
C LEU B 173 -4.08 -8.82 -10.83
N THR B 174 -4.80 -9.57 -9.99
CA THR B 174 -4.94 -11.01 -10.17
C THR B 174 -5.76 -11.35 -11.41
N GLN B 175 -6.84 -10.60 -11.65
CA GLN B 175 -7.61 -10.79 -12.89
C GLN B 175 -6.76 -10.50 -14.12
N LEU B 176 -5.91 -9.46 -14.04
CA LEU B 176 -4.96 -9.16 -15.11
C LEU B 176 -4.03 -10.32 -15.36
N LEU B 177 -3.49 -10.89 -14.27
CA LEU B 177 -2.61 -12.04 -14.39
C LEU B 177 -3.30 -13.16 -15.16
N PHE B 178 -4.54 -13.51 -14.76
CA PHE B 178 -5.28 -14.56 -15.46
C PHE B 178 -5.55 -14.18 -16.92
N VAL B 179 -5.99 -12.95 -17.17
CA VAL B 179 -6.25 -12.50 -18.54
C VAL B 179 -5.00 -12.63 -19.41
N ALA B 180 -3.83 -12.28 -18.88
CA ALA B 180 -2.62 -12.38 -19.67
C ALA B 180 -2.27 -13.84 -19.98
N TRP B 181 -2.32 -14.71 -18.97
CA TRP B 181 -2.07 -16.13 -19.22
C TRP B 181 -3.09 -16.71 -20.19
N ALA B 182 -4.38 -16.46 -19.96
CA ALA B 182 -5.41 -17.04 -20.82
C ALA B 182 -5.27 -16.54 -22.26
N ALA B 183 -5.11 -15.23 -22.44
CA ALA B 183 -4.84 -14.68 -23.76
C ALA B 183 -3.58 -15.29 -24.38
N HIS B 184 -2.55 -15.48 -23.57
CA HIS B 184 -1.37 -16.18 -24.06
C HIS B 184 -1.74 -17.59 -24.50
N ALA B 185 -2.52 -18.30 -23.67
CA ALA B 185 -2.94 -19.65 -24.05
C ALA B 185 -3.73 -19.65 -25.35
N VAL B 186 -4.72 -18.76 -25.48
CA VAL B 186 -5.50 -18.79 -26.72
C VAL B 186 -4.62 -18.50 -27.93
N ALA B 187 -3.62 -17.61 -27.78
CA ALA B 187 -2.75 -17.29 -28.91
C ALA B 187 -1.94 -18.50 -29.37
N MET B 188 -1.38 -19.27 -28.42
CA MET B 188 -0.70 -20.52 -28.78
C MET B 188 -1.64 -21.48 -29.49
N ILE B 189 -2.90 -21.52 -29.05
CA ILE B 189 -3.87 -22.47 -29.61
C ILE B 189 -4.21 -22.10 -31.05
N ALA B 190 -4.42 -20.80 -31.32
CA ALA B 190 -4.74 -20.36 -32.67
C ALA B 190 -3.62 -20.72 -33.64
N ALA B 191 -2.37 -20.50 -33.23
CA ALA B 191 -1.23 -20.83 -34.09
C ALA B 191 -1.20 -22.30 -34.43
N ALA B 192 -1.48 -23.17 -33.45
CA ALA B 192 -1.40 -24.61 -33.69
C ALA B 192 -2.42 -25.06 -34.74
N ALA B 193 -3.63 -24.51 -34.68
CA ALA B 193 -4.61 -24.79 -35.73
C ALA B 193 -4.09 -24.31 -37.09
N ASN B 194 -3.66 -23.05 -37.16
CA ASN B 194 -3.13 -22.51 -38.41
C ASN B 194 -1.80 -23.15 -38.80
N LEU B 195 -1.17 -23.89 -37.89
CA LEU B 195 0.07 -24.57 -38.25
C LEU B 195 -0.19 -25.84 -39.04
N ALA B 196 -1.35 -26.46 -38.86
CA ALA B 196 -1.73 -27.67 -39.57
C ALA B 196 -2.94 -27.38 -40.45
N GLY B 197 -2.80 -27.62 -41.75
CA GLY B 197 -3.91 -27.37 -42.66
C GLY B 197 -5.11 -28.26 -42.39
N THR B 198 -4.87 -29.55 -42.14
CA THR B 198 -5.93 -30.49 -41.86
C THR B 198 -5.36 -31.81 -41.35
N ASP B 199 -4.72 -31.78 -40.17
CA ASP B 199 -4.18 -32.99 -39.56
C ASP B 199 -5.08 -33.46 -38.43
N PRO B 200 -5.52 -34.71 -38.42
CA PRO B 200 -6.46 -35.15 -37.38
C PRO B 200 -5.84 -35.31 -35.99
N ARG B 201 -4.65 -35.88 -35.86
CA ARG B 201 -4.09 -36.09 -34.52
C ARG B 201 -3.72 -34.78 -33.86
N LEU B 202 -3.31 -33.80 -34.66
CA LEU B 202 -3.07 -32.46 -34.15
C LEU B 202 -4.37 -31.67 -33.96
N GLN B 203 -5.47 -32.09 -34.59
CA GLN B 203 -6.73 -31.37 -34.47
C GLN B 203 -7.46 -31.73 -33.18
N GLN B 204 -7.46 -33.01 -32.80
CA GLN B 204 -8.08 -33.42 -31.54
C GLN B 204 -7.30 -32.88 -30.35
N GLN B 205 -5.97 -32.81 -30.46
CA GLN B 205 -5.15 -32.27 -29.38
C GLN B 205 -5.44 -30.80 -29.14
N VAL B 206 -5.63 -30.02 -30.21
CA VAL B 206 -5.97 -28.61 -30.06
C VAL B 206 -7.37 -28.47 -29.44
N LYS B 207 -8.31 -29.29 -29.89
CA LYS B 207 -9.65 -29.27 -29.30
C LYS B 207 -9.60 -29.60 -27.81
N GLU B 208 -8.74 -30.55 -27.43
CA GLU B 208 -8.55 -30.87 -26.01
C GLU B 208 -8.07 -29.67 -25.22
N ILE B 209 -6.96 -29.06 -25.67
CA ILE B 209 -6.40 -27.92 -24.94
C ILE B 209 -7.40 -26.77 -24.90
N LEU B 210 -8.18 -26.60 -25.97
CA LEU B 210 -9.14 -25.50 -26.01
C LEU B 210 -10.23 -25.71 -24.98
N GLU B 211 -10.68 -26.97 -24.80
CA GLU B 211 -11.67 -27.31 -23.78
C GLU B 211 -11.11 -27.09 -22.37
N LYS B 212 -9.89 -27.60 -22.11
CA LYS B 212 -9.23 -27.29 -20.84
C LYS B 212 -9.08 -25.79 -20.64
N LEU B 213 -8.82 -25.05 -21.72
CA LEU B 213 -8.82 -23.60 -21.62
C LEU B 213 -10.23 -23.09 -21.29
N LYS B 214 -11.23 -23.59 -22.03
CA LYS B 214 -12.62 -23.20 -21.77
C LYS B 214 -13.05 -23.49 -20.34
N GLU B 215 -12.45 -24.52 -19.72
CA GLU B 215 -12.81 -24.85 -18.34
C GLU B 215 -12.14 -23.93 -17.32
N ALA B 216 -10.89 -23.49 -17.60
CA ALA B 216 -10.19 -22.64 -16.65
C ALA B 216 -10.80 -21.25 -16.58
N ILE B 217 -11.29 -20.71 -17.70
CA ILE B 217 -12.01 -19.45 -17.68
C ILE B 217 -13.28 -19.57 -16.84
N GLU B 218 -14.00 -20.68 -16.99
CA GLU B 218 -15.23 -20.85 -16.21
C GLU B 218 -14.91 -21.05 -14.73
N THR B 219 -13.86 -21.81 -14.41
CA THR B 219 -13.45 -21.93 -13.02
C THR B 219 -13.17 -20.54 -12.42
N PHE B 220 -12.49 -19.68 -13.18
CA PHE B 220 -12.11 -18.36 -12.68
C PHE B 220 -13.31 -17.45 -12.51
N GLN B 221 -14.24 -17.46 -13.47
CA GLN B 221 -15.40 -16.57 -13.37
C GLN B 221 -16.23 -16.87 -12.13
N LYS B 222 -16.20 -18.11 -11.64
CA LYS B 222 -16.78 -18.47 -10.35
C LYS B 222 -15.74 -18.25 -9.24
N GLY B 223 -16.24 -18.14 -8.01
CA GLY B 223 -15.34 -17.91 -6.89
C GLY B 223 -14.37 -19.06 -6.62
N ASP B 224 -13.26 -19.11 -7.36
CA ASP B 224 -12.23 -20.12 -7.13
C ASP B 224 -10.94 -19.77 -7.85
N GLU B 225 -10.14 -18.86 -7.29
CA GLU B 225 -8.95 -18.39 -7.97
C GLU B 225 -7.83 -19.42 -7.97
N GLU B 226 -7.72 -20.23 -6.92
CA GLU B 226 -6.60 -21.16 -6.81
C GLU B 226 -6.64 -22.21 -7.92
N GLN B 227 -7.80 -22.81 -8.16
CA GLN B 227 -7.85 -23.89 -9.14
C GLN B 227 -7.71 -23.36 -10.56
N ALA B 228 -8.33 -22.20 -10.85
CA ALA B 228 -8.28 -21.66 -12.21
C ALA B 228 -6.86 -21.31 -12.64
N PHE B 229 -6.01 -20.86 -11.70
CA PHE B 229 -4.63 -20.56 -12.05
C PHE B 229 -3.80 -21.83 -12.23
N ARG B 230 -4.14 -22.89 -11.49
CA ARG B 230 -3.45 -24.17 -11.68
C ARG B 230 -3.89 -24.86 -12.96
N GLN B 231 -5.13 -24.64 -13.39
CA GLN B 231 -5.55 -25.16 -14.69
C GLN B 231 -4.89 -24.37 -15.80
N LEU B 232 -4.92 -23.04 -15.70
CA LEU B 232 -4.41 -22.19 -16.76
C LEU B 232 -2.92 -22.42 -16.97
N ALA B 233 -2.18 -22.69 -15.90
CA ALA B 233 -0.75 -22.94 -16.01
C ALA B 233 -0.45 -24.15 -16.90
N GLU B 234 -1.13 -25.27 -16.66
CA GLU B 234 -0.89 -26.47 -17.45
C GLU B 234 -1.41 -26.32 -18.87
N VAL B 235 -2.58 -25.69 -19.02
CA VAL B 235 -3.09 -25.30 -20.34
C VAL B 235 -1.99 -24.58 -21.14
N LEU B 236 -1.46 -23.49 -20.58
CA LEU B 236 -0.40 -22.75 -21.23
C LEU B 236 0.74 -23.68 -21.67
N ALA B 237 1.25 -24.49 -20.74
CA ALA B 237 2.33 -25.41 -21.07
C ALA B 237 1.90 -26.37 -22.19
N GLU B 238 0.69 -26.92 -22.08
CA GLU B 238 0.23 -27.84 -23.11
C GLU B 238 0.01 -27.13 -24.43
N ALA B 239 -0.32 -25.84 -24.38
CA ALA B 239 -0.54 -25.09 -25.63
C ALA B 239 0.77 -24.79 -26.34
N ALA B 240 1.88 -24.68 -25.60
CA ALA B 240 3.15 -24.43 -26.29
C ALA B 240 3.64 -25.67 -27.00
N LEU B 241 3.45 -26.85 -26.39
CA LEU B 241 4.02 -28.07 -26.95
C LEU B 241 3.27 -28.47 -28.23
N VAL B 242 1.95 -28.28 -28.26
CA VAL B 242 1.17 -28.69 -29.42
C VAL B 242 1.44 -27.77 -30.61
N ALA B 243 1.71 -26.50 -30.33
CA ALA B 243 2.20 -25.61 -31.38
C ALA B 243 3.57 -26.04 -31.87
N LEU B 244 4.51 -26.27 -30.94
CA LEU B 244 5.86 -26.64 -31.34
C LEU B 244 5.86 -27.93 -32.15
N ARG B 245 5.16 -28.96 -31.67
CA ARG B 245 5.16 -30.26 -32.32
C ARG B 245 4.60 -30.18 -33.73
N ALA B 246 3.77 -29.17 -34.02
CA ALA B 246 3.16 -29.02 -35.33
C ALA B 246 4.21 -28.88 -36.44
N ALA B 247 4.88 -27.73 -36.51
CA ALA B 247 5.98 -27.59 -37.46
C ALA B 247 7.07 -28.62 -37.16
N LEU B 248 7.69 -28.51 -35.99
CA LEU B 248 8.75 -29.42 -35.59
C LEU B 248 8.23 -30.86 -35.51
N SER C 6 -29.41 21.95 14.94
CA SER C 6 -29.86 20.72 15.58
C SER C 6 -30.02 20.93 17.09
N ASP C 7 -31.26 20.94 17.58
CA ASP C 7 -31.51 21.33 18.97
C ASP C 7 -31.10 20.24 19.96
N GLU C 8 -31.26 18.96 19.59
CA GLU C 8 -30.81 17.89 20.47
C GLU C 8 -29.32 17.60 20.33
N GLU C 9 -28.72 17.91 19.17
CA GLU C 9 -27.26 17.80 19.07
C GLU C 9 -26.55 18.90 19.87
N PHE C 10 -27.10 20.12 19.86
CA PHE C 10 -26.52 21.20 20.65
C PHE C 10 -26.46 20.82 22.13
N LYS C 11 -27.55 20.28 22.67
CA LYS C 11 -27.54 19.89 24.08
C LYS C 11 -26.42 18.91 24.38
N PHE C 12 -26.14 18.03 23.42
CA PHE C 12 -25.13 17.00 23.64
C PHE C 12 -23.72 17.60 23.66
N LEU C 13 -23.44 18.51 22.71
CA LEU C 13 -22.11 19.11 22.66
C LEU C 13 -21.86 19.99 23.86
N ALA C 14 -22.88 20.69 24.35
CA ALA C 14 -22.72 21.52 25.55
C ALA C 14 -22.53 20.68 26.81
N THR C 15 -23.17 19.50 26.84
CA THR C 15 -22.93 18.55 27.91
C THR C 15 -21.47 18.14 27.95
N GLU C 16 -20.92 17.78 26.80
CA GLU C 16 -19.49 17.43 26.78
C GLU C 16 -18.63 18.62 27.15
N ALA C 17 -18.99 19.82 26.66
CA ALA C 17 -18.14 20.96 26.93
C ALA C 17 -18.08 21.23 28.42
N LYS C 18 -19.23 21.08 29.09
CA LYS C 18 -19.28 21.33 30.53
C LYS C 18 -18.52 20.27 31.31
N MET C 19 -18.52 19.02 30.84
CA MET C 19 -17.68 18.02 31.50
C MET C 19 -16.21 18.37 31.39
N LEU C 20 -15.77 18.71 30.17
CA LEU C 20 -14.36 19.07 29.99
C LEU C 20 -13.99 20.27 30.86
N ILE C 21 -14.91 21.22 30.99
CA ILE C 21 -14.63 22.46 31.74
C ILE C 21 -14.56 22.19 33.24
N THR C 22 -15.52 21.43 33.77
CA THR C 22 -15.45 21.02 35.16
C THR C 22 -14.15 20.28 35.46
N ALA C 23 -13.75 19.35 34.59
CA ALA C 23 -12.53 18.59 34.87
C ALA C 23 -11.30 19.47 34.79
N ALA C 24 -11.20 20.28 33.73
CA ALA C 24 -10.08 21.22 33.61
C ALA C 24 -9.97 22.11 34.84
N GLU C 25 -11.09 22.67 35.31
CA GLU C 25 -11.04 23.51 36.51
C GLU C 25 -10.52 22.75 37.71
N ARG C 26 -10.93 21.47 37.88
CA ARG C 26 -10.37 20.72 38.98
C ARG C 26 -8.89 20.45 38.76
N LEU C 27 -8.50 20.13 37.54
CA LEU C 27 -7.10 19.85 37.26
C LEU C 27 -6.26 21.11 37.42
N ALA C 28 -6.83 22.28 37.10
CA ALA C 28 -6.08 23.53 37.11
C ALA C 28 -5.65 23.94 38.51
N GLY C 29 -6.23 23.35 39.55
CA GLY C 29 -5.89 23.69 40.92
C GLY C 29 -5.80 25.18 41.18
N THR C 30 -4.64 25.62 41.67
CA THR C 30 -4.42 26.99 42.10
C THR C 30 -3.65 27.80 41.08
N ASP C 31 -3.38 27.25 39.90
CA ASP C 31 -2.64 27.92 38.84
C ASP C 31 -3.42 29.11 38.29
N PRO C 32 -2.91 30.33 38.42
CA PRO C 32 -3.69 31.50 37.95
C PRO C 32 -3.97 31.50 36.45
N GLU C 33 -2.95 31.29 35.61
CA GLU C 33 -3.20 31.29 34.17
C GLU C 33 -4.22 30.24 33.78
N LEU C 34 -4.11 29.05 34.36
CA LEU C 34 -5.02 27.95 34.04
C LEU C 34 -6.44 28.28 34.48
N GLN C 35 -6.59 28.69 35.74
CA GLN C 35 -7.90 29.12 36.24
C GLN C 35 -8.49 30.23 35.39
N GLU C 36 -7.65 31.17 34.92
CA GLU C 36 -8.17 32.25 34.09
C GLU C 36 -8.69 31.73 32.75
N MET C 37 -7.93 30.84 32.08
CA MET C 37 -8.40 30.29 30.80
C MET C 37 -9.70 29.50 30.98
N VAL C 38 -9.76 28.65 32.00
CA VAL C 38 -10.98 27.89 32.28
C VAL C 38 -12.16 28.82 32.51
N ALA C 39 -11.97 29.85 33.35
CA ALA C 39 -13.06 30.78 33.63
C ALA C 39 -13.49 31.47 32.34
N LEU C 40 -12.53 31.90 31.55
CA LEU C 40 -12.84 32.53 30.27
C LEU C 40 -13.66 31.59 29.38
N ILE C 41 -13.33 30.30 29.36
CA ILE C 41 -14.01 29.40 28.45
C ILE C 41 -15.39 29.03 29.00
N LYS C 42 -15.50 28.89 30.31
CA LYS C 42 -16.81 28.64 30.92
C LYS C 42 -17.76 29.77 30.60
N LYS C 43 -17.27 31.01 30.63
CA LYS C 43 -18.06 32.16 30.23
C LYS C 43 -18.48 32.08 28.76
N GLU C 44 -17.59 31.56 27.91
CA GLU C 44 -17.91 31.47 26.49
C GLU C 44 -19.00 30.42 26.23
N LEU C 45 -19.01 29.33 27.01
CA LEU C 45 -20.10 28.35 26.94
C LEU C 45 -21.43 29.00 27.28
N GLU C 46 -21.48 29.75 28.39
CA GLU C 46 -22.68 30.53 28.71
C GLU C 46 -23.11 31.43 27.55
N GLN C 47 -22.16 32.06 26.86
CA GLN C 47 -22.56 32.90 25.73
C GLN C 47 -23.14 32.07 24.59
N ALA C 48 -22.65 30.84 24.39
CA ALA C 48 -23.24 30.01 23.35
C ALA C 48 -24.63 29.56 23.74
N GLU C 49 -24.86 29.37 25.03
CA GLU C 49 -26.15 28.90 25.53
C GLU C 49 -27.21 30.00 25.43
N ARG C 50 -26.87 31.23 25.84
CA ARG C 50 -27.75 32.37 25.62
C ARG C 50 -28.09 32.54 24.15
N THR C 51 -27.07 32.51 23.27
CA THR C 51 -27.33 32.62 21.83
C THR C 51 -28.32 31.56 21.39
N PHE C 52 -28.21 30.37 21.97
CA PHE C 52 -29.14 29.29 21.69
C PHE C 52 -30.53 29.60 22.27
N ARG C 53 -30.56 30.22 23.46
CA ARG C 53 -31.81 30.39 24.20
C ARG C 53 -32.75 31.40 23.55
N ASN C 54 -32.19 32.40 22.85
CA ASN C 54 -32.97 33.49 22.31
C ASN C 54 -32.62 33.83 20.88
N GLY C 55 -31.41 33.52 20.44
CA GLY C 55 -30.97 33.93 19.13
C GLY C 55 -30.86 32.79 18.12
N ASP C 56 -29.89 32.93 17.23
CA ASP C 56 -29.76 32.07 16.06
C ASP C 56 -29.13 30.73 16.47
N LYS C 57 -29.83 29.63 16.20
CA LYS C 57 -29.30 28.33 16.56
C LYS C 57 -28.00 28.04 15.82
N SER C 58 -27.89 28.49 14.56
CA SER C 58 -26.67 28.20 13.81
C SER C 58 -25.48 28.97 14.36
N GLU C 59 -25.69 30.20 14.82
CA GLU C 59 -24.59 30.96 15.41
C GLU C 59 -24.17 30.39 16.74
N ALA C 60 -25.15 29.97 17.57
CA ALA C 60 -24.83 29.24 18.80
C ALA C 60 -24.02 27.98 18.50
N GLN C 61 -24.39 27.25 17.44
CA GLN C 61 -23.73 25.99 17.14
C GLN C 61 -22.26 26.19 16.84
N ARG C 62 -21.96 27.19 16.00
CA ARG C 62 -20.56 27.49 15.73
C ARG C 62 -19.86 28.00 16.99
N GLN C 63 -20.48 28.95 17.69
CA GLN C 63 -19.94 29.38 18.97
C GLN C 63 -19.64 28.18 19.86
N LEU C 64 -20.56 27.22 19.94
CA LEU C 64 -20.39 26.08 20.83
C LEU C 64 -19.30 25.14 20.36
N GLU C 65 -19.30 24.78 19.06
CA GLU C 65 -18.21 23.97 18.52
C GLU C 65 -16.85 24.60 18.82
N PHE C 66 -16.78 25.94 18.81
CA PHE C 66 -15.52 26.60 19.12
C PHE C 66 -15.18 26.50 20.60
N VAL C 67 -16.16 26.71 21.48
CA VAL C 67 -15.96 26.50 22.92
C VAL C 67 -15.52 25.07 23.19
N LEU C 68 -16.03 24.11 22.42
CA LEU C 68 -15.65 22.73 22.68
C LEU C 68 -14.17 22.50 22.39
N THR C 69 -13.66 23.01 21.27
CA THR C 69 -12.24 22.88 20.96
C THR C 69 -11.38 23.51 22.05
N ALA C 70 -11.73 24.71 22.50
CA ALA C 70 -10.98 25.37 23.57
C ALA C 70 -10.98 24.53 24.84
N ALA C 71 -12.15 24.00 25.22
CA ALA C 71 -12.22 23.21 26.44
C ALA C 71 -11.38 21.94 26.32
N ARG C 72 -11.36 21.32 25.14
CA ARG C 72 -10.43 20.22 24.90
C ARG C 72 -8.98 20.68 25.13
N ALA C 73 -8.67 21.91 24.68
CA ALA C 73 -7.29 22.35 24.72
C ALA C 73 -6.86 22.71 26.15
N VAL C 74 -7.69 23.45 26.89
CA VAL C 74 -7.36 23.76 28.29
C VAL C 74 -7.32 22.51 29.16
N MET C 75 -8.13 21.50 28.81
CA MET C 75 -8.05 20.21 29.51
C MET C 75 -6.67 19.58 29.34
N ASN C 76 -6.22 19.47 28.10
CA ASN C 76 -4.87 18.98 27.80
C ASN C 76 -3.79 19.84 28.45
N VAL C 77 -3.92 21.18 28.40
CA VAL C 77 -2.88 22.02 29.00
C VAL C 77 -2.89 21.87 30.52
N ALA C 78 -4.08 21.78 31.13
CA ALA C 78 -4.12 21.53 32.58
C ALA C 78 -3.45 20.19 32.92
N ALA C 79 -3.61 19.17 32.08
CA ALA C 79 -2.96 17.88 32.34
C ALA C 79 -1.44 17.99 32.20
N ALA C 80 -0.98 18.68 31.15
CA ALA C 80 0.45 18.87 30.97
C ALA C 80 1.07 19.60 32.16
N ALA C 81 0.40 20.65 32.64
CA ALA C 81 0.95 21.48 33.71
C ALA C 81 1.03 20.71 35.02
N ASN C 82 0.08 19.83 35.27
CA ASN C 82 0.20 18.94 36.42
C ASN C 82 1.37 17.96 36.25
N ALA C 83 1.44 17.29 35.08
CA ALA C 83 2.46 16.25 34.88
C ALA C 83 3.85 16.85 34.86
N ALA C 84 3.99 18.08 34.33
CA ALA C 84 5.31 18.66 34.12
C ALA C 84 5.98 19.07 35.41
N GLY C 85 5.22 19.24 36.50
CA GLY C 85 5.77 19.76 37.74
C GLY C 85 6.68 20.96 37.53
N THR C 86 7.93 20.83 37.95
CA THR C 86 8.87 21.94 37.96
C THR C 86 9.89 21.88 36.82
N ASP C 87 9.57 21.18 35.74
CA ASP C 87 10.44 21.17 34.56
C ASP C 87 10.30 22.50 33.81
N PRO C 88 11.34 23.32 33.78
CA PRO C 88 11.15 24.69 33.26
C PRO C 88 10.76 24.74 31.79
N GLU C 89 11.24 23.81 30.96
CA GLU C 89 10.93 23.87 29.53
C GLU C 89 9.45 23.64 29.29
N LEU C 90 8.86 22.68 30.00
CA LEU C 90 7.44 22.40 29.84
C LEU C 90 6.58 23.55 30.36
N ILE C 91 7.00 24.18 31.45
CA ILE C 91 6.27 25.34 31.97
C ILE C 91 6.32 26.49 30.97
N GLU C 92 7.46 26.69 30.31
CA GLU C 92 7.54 27.73 29.27
C GLU C 92 6.60 27.40 28.13
N MET C 93 6.47 26.12 27.80
CA MET C 93 5.55 25.69 26.74
C MET C 93 4.10 25.95 27.12
N VAL C 94 3.69 25.49 28.31
CA VAL C 94 2.32 25.67 28.75
C VAL C 94 1.92 27.13 28.64
N LEU C 95 2.74 28.00 29.24
CA LEU C 95 2.51 29.43 29.20
C LEU C 95 2.37 29.94 27.76
N ARG C 96 3.14 29.37 26.82
CA ARG C 96 2.99 29.87 25.45
C ARG C 96 1.66 29.41 24.85
N ILE C 97 1.30 28.14 25.07
CA ILE C 97 0.03 27.65 24.56
C ILE C 97 -1.12 28.46 25.18
N LEU C 98 -1.06 28.66 26.51
CA LEU C 98 -2.07 29.47 27.17
C LEU C 98 -2.20 30.82 26.50
N LYS C 99 -1.07 31.50 26.24
CA LYS C 99 -1.10 32.77 25.52
C LYS C 99 -1.81 32.66 24.18
N GLN C 100 -1.46 31.65 23.38
CA GLN C 100 -2.08 31.51 22.06
C GLN C 100 -3.58 31.22 22.18
N LEU C 101 -3.97 30.41 23.16
CA LEU C 101 -5.38 30.10 23.26
C LEU C 101 -6.18 31.34 23.66
N LYS C 102 -5.69 32.10 24.65
CA LYS C 102 -6.38 33.33 25.02
C LYS C 102 -6.50 34.28 23.81
N GLU C 103 -5.45 34.39 23.00
CA GLU C 103 -5.55 35.22 21.80
C GLU C 103 -6.55 34.61 20.79
N ALA C 104 -6.59 33.29 20.68
CA ALA C 104 -7.61 32.66 19.85
C ALA C 104 -9.01 33.09 20.28
N ILE C 105 -9.28 33.06 21.58
CA ILE C 105 -10.61 33.38 22.07
C ILE C 105 -10.92 34.86 21.84
N ARG C 106 -9.97 35.75 22.17
CA ARG C 106 -10.16 37.18 21.94
C ARG C 106 -10.45 37.45 20.47
N THR C 107 -9.69 36.84 19.57
CA THR C 107 -9.95 37.01 18.15
C THR C 107 -11.34 36.52 17.79
N PHE C 108 -11.81 35.47 18.46
CA PHE C 108 -13.11 34.87 18.14
C PHE C 108 -14.23 35.75 18.67
N GLN C 109 -14.09 36.21 19.92
CA GLN C 109 -14.99 37.21 20.47
C GLN C 109 -15.10 38.44 19.57
N ASN C 110 -13.97 38.98 19.10
CA ASN C 110 -14.11 40.22 18.33
C ASN C 110 -14.62 39.99 16.92
N GLY C 111 -14.95 38.75 16.54
CA GLY C 111 -15.80 38.49 15.39
C GLY C 111 -15.12 37.84 14.19
N ASP C 112 -13.79 37.87 14.10
CA ASP C 112 -13.10 37.21 12.99
C ASP C 112 -12.97 35.72 13.31
N GLN C 113 -14.06 34.99 13.04
CA GLN C 113 -14.15 33.62 13.51
C GLN C 113 -13.31 32.65 12.71
N GLU C 114 -13.12 32.87 11.40
CA GLU C 114 -12.32 31.94 10.62
C GLU C 114 -10.85 32.01 11.04
N GLU C 115 -10.33 33.20 11.29
CA GLU C 115 -8.93 33.31 11.67
C GLU C 115 -8.69 32.77 13.08
N ALA C 116 -9.66 32.93 13.98
CA ALA C 116 -9.50 32.38 15.32
C ALA C 116 -9.72 30.87 15.35
N GLU C 117 -10.56 30.35 14.45
CA GLU C 117 -10.74 28.91 14.38
C GLU C 117 -9.47 28.23 13.86
N THR C 118 -8.83 28.83 12.85
CA THR C 118 -7.50 28.38 12.43
C THR C 118 -6.52 28.39 13.60
N GLN C 119 -6.40 29.52 14.29
CA GLN C 119 -5.54 29.56 15.47
C GLN C 119 -5.87 28.44 16.45
N LEU C 120 -7.17 28.13 16.61
CA LEU C 120 -7.59 27.20 17.65
C LEU C 120 -7.18 25.77 17.32
N ARG C 121 -7.37 25.38 16.06
CA ARG C 121 -6.82 24.14 15.55
C ARG C 121 -5.37 23.94 16.02
N PHE C 122 -4.50 24.91 15.69
CA PHE C 122 -3.09 24.79 16.06
C PHE C 122 -2.93 24.66 17.58
N VAL C 123 -3.58 25.55 18.33
CA VAL C 123 -3.51 25.51 19.79
C VAL C 123 -3.86 24.11 20.32
N LEU C 124 -4.98 23.52 19.84
CA LEU C 124 -5.38 22.21 20.35
C LEU C 124 -4.29 21.16 20.08
N ARG C 125 -3.76 21.12 18.86
CA ARG C 125 -2.68 20.16 18.54
C ARG C 125 -1.46 20.41 19.42
N ALA C 126 -1.06 21.67 19.57
CA ALA C 126 0.05 21.99 20.48
C ALA C 126 -0.27 21.55 21.90
N ALA C 127 -1.52 21.73 22.33
CA ALA C 127 -1.90 21.33 23.69
C ALA C 127 -1.91 19.81 23.84
N ILE C 128 -2.28 19.10 22.78
CA ILE C 128 -2.19 17.65 22.84
C ILE C 128 -0.72 17.24 22.86
N ALA C 129 0.10 17.93 22.05
CA ALA C 129 1.52 17.61 21.98
C ALA C 129 2.18 17.82 23.34
N VAL C 130 1.90 18.94 23.99
CA VAL C 130 2.66 19.19 25.21
C VAL C 130 2.18 18.25 26.30
N ALA C 131 0.93 17.82 26.22
CA ALA C 131 0.42 16.91 27.25
C ALA C 131 1.05 15.52 27.13
N VAL C 132 1.13 14.97 25.91
CA VAL C 132 1.75 13.64 25.84
C VAL C 132 3.25 13.74 26.07
N VAL C 133 3.91 14.83 25.65
CA VAL C 133 5.33 14.97 25.98
C VAL C 133 5.49 14.94 27.49
N ALA C 134 4.65 15.68 28.20
CA ALA C 134 4.78 15.78 29.65
C ALA C 134 4.54 14.43 30.29
N ALA C 135 3.56 13.70 29.79
CA ALA C 135 3.28 12.40 30.38
C ALA C 135 4.41 11.43 30.06
N ALA C 136 5.00 11.53 28.86
CA ALA C 136 6.15 10.70 28.50
C ALA C 136 7.36 10.96 29.41
N LEU C 137 7.59 12.23 29.80
CA LEU C 137 8.65 12.52 30.76
C LEU C 137 8.41 11.79 32.07
N VAL C 138 7.16 11.79 32.54
CA VAL C 138 6.85 11.09 33.77
C VAL C 138 7.16 9.60 33.64
N LEU C 139 6.66 8.98 32.56
CA LEU C 139 6.78 7.53 32.39
C LEU C 139 8.23 7.10 32.12
N ALA C 140 9.02 7.96 31.47
CA ALA C 140 10.42 7.64 31.27
C ALA C 140 11.18 7.61 32.57
N GLY C 141 10.65 8.23 33.63
CA GLY C 141 11.29 8.19 34.93
C GLY C 141 12.74 8.61 34.87
N THR C 142 13.61 7.74 35.37
CA THR C 142 15.02 8.04 35.52
C THR C 142 15.87 7.59 34.33
N ASP C 143 15.28 6.89 33.36
CA ASP C 143 15.93 6.33 32.17
C ASP C 143 16.53 7.39 31.25
N PRO C 144 17.85 7.56 31.24
CA PRO C 144 18.45 8.63 30.41
C PRO C 144 18.17 8.52 28.92
N GLU C 145 18.22 7.31 28.35
CA GLU C 145 17.92 7.14 26.94
C GLU C 145 16.50 7.61 26.61
N LEU C 146 15.53 7.31 27.47
CA LEU C 146 14.18 7.77 27.21
C LEU C 146 14.05 9.27 27.46
N GLN C 147 14.73 9.77 28.49
CA GLN C 147 14.75 11.21 28.74
C GLN C 147 15.37 11.96 27.56
N GLU C 148 16.53 11.50 27.08
CA GLU C 148 17.14 12.14 25.92
C GLU C 148 16.20 12.21 24.73
N MET C 149 15.38 11.18 24.55
CA MET C 149 14.46 11.20 23.42
C MET C 149 13.34 12.22 23.65
N VAL C 150 12.79 12.27 24.86
CA VAL C 150 11.79 13.28 25.20
C VAL C 150 12.39 14.68 25.05
N LYS C 151 13.69 14.83 25.31
CA LYS C 151 14.30 16.15 25.17
C LYS C 151 14.34 16.57 23.69
N GLN C 152 14.71 15.66 22.80
CA GLN C 152 14.66 15.95 21.37
C GLN C 152 13.25 16.28 20.92
N ILE C 153 12.28 15.44 21.33
CA ILE C 153 10.90 15.60 20.89
C ILE C 153 10.32 16.91 21.38
N LEU C 154 10.65 17.31 22.61
CA LEU C 154 10.24 18.61 23.10
C LEU C 154 10.80 19.74 22.23
N GLU C 155 12.08 19.63 21.84
CA GLU C 155 12.71 20.65 21.02
C GLU C 155 12.00 20.78 19.68
N GLU C 156 11.63 19.65 19.10
CA GLU C 156 10.81 19.69 17.90
C GLU C 156 9.49 20.42 18.17
N LEU C 157 8.92 20.26 19.36
CA LEU C 157 7.71 21.02 19.71
C LEU C 157 8.00 22.53 19.79
N LYS C 158 9.14 22.91 20.39
CA LYS C 158 9.54 24.31 20.40
C LYS C 158 9.63 24.86 18.99
N GLN C 159 10.19 24.08 18.07
CA GLN C 159 10.31 24.54 16.70
C GLN C 159 8.95 24.75 16.03
N ALA C 160 7.99 23.85 16.29
CA ALA C 160 6.69 23.96 15.62
C ALA C 160 6.00 25.29 15.91
N ILE C 161 6.12 25.77 17.16
CA ILE C 161 5.43 26.98 17.54
C ILE C 161 6.05 28.17 16.81
N GLU C 162 7.38 28.24 16.79
CA GLU C 162 8.07 29.28 16.05
C GLU C 162 7.79 29.14 14.55
N THR C 163 7.65 27.91 14.05
CA THR C 163 7.34 27.73 12.64
C THR C 163 5.96 28.28 12.30
N PHE C 164 4.98 28.05 13.17
CA PHE C 164 3.63 28.59 12.95
C PHE C 164 3.64 30.11 12.94
N ALA C 165 4.36 30.73 13.88
CA ALA C 165 4.49 32.19 13.93
C ALA C 165 5.12 32.76 12.67
N ARG C 166 5.89 31.95 11.94
CA ARG C 166 6.52 32.42 10.71
C ARG C 166 5.61 32.26 9.51
N GLY C 167 4.48 31.59 9.67
CA GLY C 167 3.45 31.58 8.64
C GLY C 167 3.32 30.28 7.86
N ASP C 168 4.17 29.29 8.12
CA ASP C 168 4.06 27.97 7.47
C ASP C 168 3.20 27.08 8.36
N LYS C 169 1.89 27.32 8.28
CA LYS C 169 0.98 26.64 9.17
C LYS C 169 1.04 25.11 9.00
N GLU C 170 1.01 24.62 7.76
CA GLU C 170 0.93 23.18 7.55
C GLU C 170 2.21 22.48 8.04
N LYS C 171 3.39 23.07 7.77
CA LYS C 171 4.62 22.48 8.28
C LYS C 171 4.61 22.39 9.81
N ALA C 172 4.15 23.44 10.49
CA ALA C 172 4.08 23.41 11.94
C ALA C 172 3.09 22.35 12.43
N LEU C 173 1.91 22.27 11.81
CA LEU C 173 0.91 21.30 12.23
C LEU C 173 1.44 19.88 12.06
N THR C 174 2.03 19.60 10.89
CA THR C 174 2.70 18.35 10.64
C THR C 174 3.74 18.06 11.71
N GLN C 175 4.44 19.09 12.16
CA GLN C 175 5.46 18.88 13.18
C GLN C 175 4.83 18.58 14.53
N LEU C 176 3.64 19.11 14.80
CA LEU C 176 2.94 18.78 16.03
C LEU C 176 2.46 17.33 15.98
N LEU C 177 1.96 16.91 14.82
CA LEU C 177 1.53 15.54 14.60
C LEU C 177 2.67 14.55 14.87
N PHE C 178 3.85 14.84 14.31
CA PHE C 178 5.01 14.02 14.60
C PHE C 178 5.34 14.01 16.08
N VAL C 179 5.34 15.19 16.71
CA VAL C 179 5.66 15.28 18.14
C VAL C 179 4.66 14.45 18.97
N ALA C 180 3.38 14.48 18.63
CA ALA C 180 2.40 13.76 19.45
C ALA C 180 2.61 12.26 19.37
N TRP C 181 2.73 11.72 18.16
CA TRP C 181 2.99 10.29 17.99
C TRP C 181 4.31 9.83 18.62
N ALA C 182 5.39 10.60 18.42
CA ALA C 182 6.71 10.14 18.90
C ALA C 182 6.75 10.09 20.43
N ALA C 183 6.19 11.12 21.09
CA ALA C 183 6.19 11.11 22.56
C ALA C 183 5.18 10.12 23.09
N HIS C 184 4.19 9.75 22.28
CA HIS C 184 3.29 8.69 22.66
C HIS C 184 3.98 7.34 22.61
N ALA C 185 4.83 7.12 21.59
CA ALA C 185 5.62 5.90 21.52
C ALA C 185 6.54 5.79 22.71
N VAL C 186 7.12 6.92 23.13
CA VAL C 186 8.03 6.87 24.27
C VAL C 186 7.28 6.44 25.52
N ALA C 187 6.09 7.00 25.70
CA ALA C 187 5.24 6.58 26.82
C ALA C 187 4.95 5.09 26.73
N MET C 188 4.57 4.60 25.55
CA MET C 188 4.27 3.18 25.38
C MET C 188 5.48 2.32 25.68
N ILE C 189 6.63 2.68 25.11
CA ILE C 189 7.86 1.93 25.27
C ILE C 189 8.29 1.94 26.72
N ALA C 190 8.11 3.06 27.42
CA ALA C 190 8.51 3.10 28.82
C ALA C 190 7.56 2.28 29.66
N ALA C 191 6.28 2.26 29.29
CA ALA C 191 5.34 1.37 29.93
C ALA C 191 5.69 -0.09 29.63
N ALA C 192 6.01 -0.40 28.38
CA ALA C 192 6.29 -1.80 28.02
C ALA C 192 7.49 -2.35 28.79
N ALA C 193 8.55 -1.56 28.94
CA ALA C 193 9.75 -2.03 29.62
C ALA C 193 9.51 -2.22 31.11
N ASN C 194 8.51 -1.56 31.68
CA ASN C 194 8.16 -1.87 33.06
C ASN C 194 7.24 -3.09 33.14
N LEU C 195 6.37 -3.28 32.16
CA LEU C 195 5.46 -4.42 32.20
C LEU C 195 6.21 -5.71 31.91
N ALA C 196 7.07 -5.72 30.90
CA ALA C 196 8.11 -6.74 30.86
C ALA C 196 8.94 -6.58 32.12
N GLY C 197 9.46 -7.67 32.63
CA GLY C 197 10.20 -7.46 33.84
C GLY C 197 11.58 -8.04 33.62
N THR C 198 11.78 -9.21 34.24
CA THR C 198 12.92 -10.06 33.98
C THR C 198 12.82 -10.80 32.66
N ASP C 199 11.67 -10.80 32.00
CA ASP C 199 11.48 -11.61 30.80
C ASP C 199 12.39 -11.13 29.67
N PRO C 200 13.39 -11.94 29.26
CA PRO C 200 14.38 -11.44 28.29
C PRO C 200 13.84 -11.31 26.88
N ARG C 201 12.90 -12.14 26.45
CA ARG C 201 12.24 -11.92 25.16
C ARG C 201 11.51 -10.58 25.13
N LEU C 202 10.73 -10.28 26.16
CA LEU C 202 9.97 -9.05 26.12
C LEU C 202 10.88 -7.82 26.15
N GLN C 203 11.99 -7.90 26.91
CA GLN C 203 12.97 -6.81 26.95
C GLN C 203 13.59 -6.59 25.58
N GLN C 204 14.02 -7.67 24.93
CA GLN C 204 14.59 -7.52 23.59
C GLN C 204 13.58 -6.95 22.63
N GLN C 205 12.35 -7.46 22.68
CA GLN C 205 11.32 -6.96 21.78
C GLN C 205 11.10 -5.47 21.98
N VAL C 206 11.21 -5.01 23.23
CA VAL C 206 11.01 -3.61 23.56
C VAL C 206 12.19 -2.79 23.06
N LYS C 207 13.40 -3.32 23.23
CA LYS C 207 14.60 -2.63 22.77
C LYS C 207 14.57 -2.44 21.25
N GLU C 208 14.16 -3.47 20.51
CA GLU C 208 14.12 -3.33 19.04
C GLU C 208 13.16 -2.22 18.65
N ILE C 209 11.95 -2.24 19.22
CA ILE C 209 11.00 -1.19 18.94
C ILE C 209 11.59 0.18 19.26
N LEU C 210 12.22 0.30 20.45
CA LEU C 210 12.90 1.55 20.82
C LEU C 210 13.90 1.99 19.75
N GLU C 211 14.61 1.04 19.16
CA GLU C 211 15.54 1.38 18.09
C GLU C 211 14.78 1.86 16.86
N LYS C 212 13.57 1.35 16.65
CA LYS C 212 12.78 1.79 15.50
C LYS C 212 12.26 3.21 15.71
N LEU C 213 11.97 3.57 16.96
CA LEU C 213 11.63 4.94 17.26
C LEU C 213 12.81 5.88 17.00
N LYS C 214 14.02 5.50 17.44
CA LYS C 214 15.20 6.31 17.20
C LYS C 214 15.41 6.53 15.70
N GLU C 215 15.23 5.48 14.91
CA GLU C 215 15.32 5.61 13.46
C GLU C 215 14.26 6.57 12.91
N ALA C 216 13.00 6.39 13.32
CA ALA C 216 11.93 7.26 12.82
C ALA C 216 12.15 8.72 13.22
N ILE C 217 12.54 8.97 14.46
CA ILE C 217 12.86 10.33 14.87
C ILE C 217 13.95 10.90 13.97
N GLU C 218 14.95 10.09 13.63
CA GLU C 218 16.07 10.62 12.85
C GLU C 218 15.68 10.82 11.40
N THR C 219 14.90 9.90 10.81
CA THR C 219 14.40 10.15 9.47
C THR C 219 13.63 11.47 9.42
N PHE C 220 12.73 11.70 10.40
CA PHE C 220 11.95 12.95 10.41
C PHE C 220 12.88 14.16 10.45
N GLN C 221 13.84 14.16 11.36
CA GLN C 221 14.84 15.23 11.40
C GLN C 221 15.62 15.35 10.08
N LYS C 222 15.78 14.24 9.35
CA LYS C 222 16.47 14.29 8.06
C LYS C 222 15.60 14.83 6.93
N GLY C 223 14.27 14.92 7.14
CA GLY C 223 13.39 15.63 6.22
C GLY C 223 12.55 14.76 5.29
N ASP C 224 12.75 13.44 5.28
CA ASP C 224 11.92 12.52 4.50
C ASP C 224 10.72 12.16 5.36
N GLU C 225 9.66 12.96 5.24
CA GLU C 225 8.54 12.89 6.18
C GLU C 225 7.61 11.72 5.89
N GLU C 226 7.36 11.41 4.62
CA GLU C 226 6.51 10.27 4.30
C GLU C 226 7.02 9.01 4.95
N GLN C 227 8.33 8.73 4.80
CA GLN C 227 8.91 7.53 5.37
C GLN C 227 8.91 7.60 6.90
N ALA C 228 9.21 8.77 7.47
CA ALA C 228 9.29 8.87 8.92
C ALA C 228 7.94 8.66 9.57
N PHE C 229 6.87 9.18 8.95
CA PHE C 229 5.53 9.01 9.48
C PHE C 229 5.09 7.55 9.40
N ARG C 230 5.45 6.86 8.31
CA ARG C 230 5.13 5.44 8.22
C ARG C 230 5.82 4.65 9.31
N GLN C 231 7.10 4.95 9.58
CA GLN C 231 7.82 4.23 10.61
C GLN C 231 7.17 4.44 11.97
N LEU C 232 6.75 5.67 12.25
CA LEU C 232 6.16 6.04 13.52
C LEU C 232 4.85 5.32 13.76
N ALA C 233 3.97 5.33 12.76
CA ALA C 233 2.71 4.62 12.87
C ALA C 233 2.96 3.14 13.20
N GLU C 234 3.89 2.50 12.46
CA GLU C 234 4.25 1.10 12.78
C GLU C 234 4.80 0.95 14.18
N VAL C 235 5.73 1.82 14.58
CA VAL C 235 6.26 1.72 15.94
C VAL C 235 5.12 1.74 16.95
N LEU C 236 4.18 2.69 16.82
CA LEU C 236 3.07 2.81 17.75
C LEU C 236 2.27 1.52 17.86
N ALA C 237 1.94 0.91 16.72
CA ALA C 237 1.21 -0.36 16.79
C ALA C 237 2.04 -1.45 17.49
N GLU C 238 3.32 -1.56 17.16
CA GLU C 238 4.16 -2.58 17.77
C GLU C 238 4.38 -2.33 19.26
N ALA C 239 4.58 -1.07 19.65
CA ALA C 239 4.74 -0.76 21.06
C ALA C 239 3.48 -1.09 21.84
N ALA C 240 2.32 -0.68 21.31
CA ALA C 240 1.06 -1.13 21.89
C ALA C 240 1.01 -2.64 22.03
N LEU C 241 1.27 -3.38 20.93
CA LEU C 241 1.13 -4.84 20.99
C LEU C 241 2.10 -5.44 22.02
N VAL C 242 3.32 -4.93 22.10
CA VAL C 242 4.24 -5.52 23.09
C VAL C 242 3.89 -5.08 24.51
N ALA C 243 3.38 -3.85 24.71
CA ALA C 243 2.95 -3.45 26.05
C ALA C 243 1.77 -4.29 26.51
N LEU C 244 0.83 -4.56 25.61
CA LEU C 244 -0.27 -5.45 25.95
C LEU C 244 0.23 -6.85 26.30
N ARG C 245 1.18 -7.37 25.51
CA ARG C 245 1.66 -8.74 25.75
C ARG C 245 2.41 -8.85 27.06
N ALA C 246 3.24 -7.86 27.39
CA ALA C 246 3.90 -7.87 28.69
C ALA C 246 2.89 -7.82 29.83
N ALA C 247 1.90 -6.92 29.74
CA ALA C 247 0.87 -6.82 30.78
C ALA C 247 0.23 -8.17 31.06
N LEU C 248 0.13 -9.02 30.04
CA LEU C 248 -0.55 -10.29 30.17
C LEU C 248 0.35 -11.46 30.57
N THR C 249 1.69 -11.33 30.59
CA THR C 249 2.48 -12.50 30.97
C THR C 249 2.47 -12.75 32.48
N ASN C 250 2.24 -11.74 33.30
CA ASN C 250 1.97 -12.06 34.70
C ASN C 250 0.46 -12.14 34.99
N GLU D 9 -0.42 -9.03 -0.88
CA GLU D 9 0.82 -8.43 -1.38
C GLU D 9 1.80 -9.51 -1.86
N PHE D 10 2.35 -10.28 -0.92
CA PHE D 10 3.12 -11.46 -1.31
C PHE D 10 2.24 -12.49 -1.99
N LYS D 11 0.94 -12.49 -1.68
CA LYS D 11 0.02 -13.50 -2.21
C LYS D 11 -0.04 -13.45 -3.73
N PHE D 12 -0.39 -12.28 -4.29
CA PHE D 12 -0.45 -12.14 -5.74
C PHE D 12 0.89 -12.48 -6.38
N LEU D 13 1.98 -12.02 -5.78
CA LEU D 13 3.29 -12.41 -6.28
C LEU D 13 3.53 -13.90 -6.09
N ALA D 14 3.05 -14.46 -4.97
CA ALA D 14 3.19 -15.90 -4.75
C ALA D 14 2.32 -16.72 -5.68
N THR D 15 1.25 -16.13 -6.22
CA THR D 15 0.40 -16.85 -7.17
C THR D 15 1.10 -16.98 -8.52
N GLU D 16 1.70 -15.89 -9.00
CA GLU D 16 2.33 -15.91 -10.32
C GLU D 16 3.49 -16.90 -10.36
N ALA D 17 4.35 -16.86 -9.34
CA ALA D 17 5.48 -17.79 -9.31
C ALA D 17 5.01 -19.24 -9.33
N LYS D 18 3.92 -19.54 -8.60
CA LYS D 18 3.32 -20.87 -8.64
C LYS D 18 2.91 -21.23 -10.06
N MET D 19 2.29 -20.30 -10.79
CA MET D 19 1.93 -20.58 -12.18
C MET D 19 3.16 -20.90 -13.00
N LEU D 20 4.24 -20.13 -12.81
CA LEU D 20 5.44 -20.33 -13.61
C LEU D 20 6.08 -21.67 -13.29
N ILE D 21 5.94 -22.13 -12.05
CA ILE D 21 6.55 -23.38 -11.62
C ILE D 21 5.81 -24.57 -12.23
N THR D 22 4.49 -24.63 -12.04
CA THR D 22 3.75 -25.78 -12.55
C THR D 22 3.74 -25.77 -14.06
N ALA D 23 3.77 -24.57 -14.65
CA ALA D 23 3.94 -24.48 -16.10
C ALA D 23 5.27 -25.09 -16.52
N ALA D 24 6.37 -24.67 -15.85
CA ALA D 24 7.71 -25.13 -16.23
C ALA D 24 7.86 -26.64 -16.01
N GLU D 25 7.37 -27.15 -14.87
CA GLU D 25 7.48 -28.58 -14.59
C GLU D 25 6.84 -29.42 -15.69
N ARG D 26 5.75 -28.92 -16.29
CA ARG D 26 5.12 -29.64 -17.39
C ARG D 26 5.96 -29.57 -18.67
N LEU D 27 6.57 -28.41 -18.94
CA LEU D 27 7.34 -28.25 -20.18
C LEU D 27 8.58 -29.15 -20.22
N ALA D 28 9.18 -29.42 -19.06
CA ALA D 28 10.38 -30.26 -18.99
C ALA D 28 9.95 -31.73 -18.92
N GLY D 29 9.34 -32.19 -20.01
CA GLY D 29 8.63 -33.46 -20.04
C GLY D 29 9.40 -34.68 -19.58
N THR D 30 10.27 -35.20 -20.44
CA THR D 30 11.03 -36.42 -20.16
C THR D 30 12.49 -36.15 -19.86
N ASP D 31 12.86 -34.90 -19.56
CA ASP D 31 14.26 -34.53 -19.30
C ASP D 31 14.55 -34.61 -17.82
N PRO D 32 15.41 -35.54 -17.37
CA PRO D 32 15.79 -35.54 -15.94
C PRO D 32 16.62 -34.34 -15.55
N GLU D 33 17.41 -33.79 -16.49
CA GLU D 33 18.23 -32.63 -16.19
C GLU D 33 17.38 -31.43 -15.81
N LEU D 34 16.29 -31.20 -16.55
CA LEU D 34 15.48 -30.01 -16.32
C LEU D 34 14.48 -30.21 -15.18
N GLN D 35 13.87 -31.39 -15.08
CA GLN D 35 12.85 -31.65 -14.06
C GLN D 35 13.43 -31.73 -12.66
N GLU D 36 14.69 -32.16 -12.54
CA GLU D 36 15.39 -32.02 -11.26
C GLU D 36 15.59 -30.54 -10.95
N MET D 37 15.98 -29.75 -11.95
CA MET D 37 16.18 -28.31 -11.74
C MET D 37 14.89 -27.63 -11.33
N VAL D 38 13.74 -28.06 -11.89
CA VAL D 38 12.47 -27.47 -11.51
C VAL D 38 12.08 -27.90 -10.09
N ALA D 39 12.44 -29.12 -9.69
CA ALA D 39 12.22 -29.54 -8.31
C ALA D 39 12.98 -28.64 -7.34
N LEU D 40 14.21 -28.27 -7.68
CA LEU D 40 15.02 -27.41 -6.81
C LEU D 40 14.33 -26.08 -6.55
N ILE D 41 13.76 -25.45 -7.58
CA ILE D 41 13.08 -24.18 -7.38
C ILE D 41 11.74 -24.37 -6.67
N LYS D 42 11.08 -25.51 -6.90
CA LYS D 42 9.82 -25.79 -6.21
C LYS D 42 10.04 -25.83 -4.71
N LYS D 43 11.18 -26.36 -4.27
CA LYS D 43 11.52 -26.36 -2.85
C LYS D 43 11.75 -24.95 -2.33
N GLU D 44 12.46 -24.12 -3.10
CA GLU D 44 12.80 -22.78 -2.62
C GLU D 44 11.56 -21.91 -2.49
N LEU D 45 10.62 -22.03 -3.43
CA LEU D 45 9.37 -21.28 -3.33
C LEU D 45 8.51 -21.82 -2.21
N GLU D 46 8.40 -23.14 -2.10
CA GLU D 46 7.74 -23.76 -0.96
C GLU D 46 8.41 -23.37 0.35
N GLN D 47 9.69 -23.00 0.30
CA GLN D 47 10.39 -22.57 1.51
C GLN D 47 9.92 -21.19 1.96
N ALA D 48 9.61 -20.30 1.02
CA ALA D 48 9.36 -18.90 1.36
C ALA D 48 8.13 -18.73 2.26
N GLU D 49 7.18 -19.67 2.21
CA GLU D 49 6.00 -19.58 3.06
C GLU D 49 6.34 -19.89 4.51
N ARG D 50 7.19 -20.90 4.73
CA ARG D 50 7.69 -21.17 6.07
C ARG D 50 8.32 -19.90 6.67
N THR D 51 9.21 -19.27 5.91
CA THR D 51 9.82 -18.01 6.32
C THR D 51 8.83 -16.84 6.30
N PHE D 52 7.63 -17.01 5.74
CA PHE D 52 6.68 -15.91 5.74
C PHE D 52 5.98 -15.76 7.08
N ARG D 53 5.73 -16.87 7.76
CA ARG D 53 5.06 -16.85 9.07
C ARG D 53 5.72 -17.82 10.05
N GLU D 59 11.48 -8.61 4.31
CA GLU D 59 11.08 -9.83 4.99
C GLU D 59 11.56 -11.04 4.22
N ALA D 60 10.67 -12.03 4.11
CA ALA D 60 10.89 -13.21 3.28
C ALA D 60 10.50 -12.98 1.83
N GLN D 61 10.10 -11.75 1.49
CA GLN D 61 9.70 -11.45 0.12
C GLN D 61 10.88 -11.49 -0.84
N ARG D 62 12.10 -11.28 -0.34
CA ARG D 62 13.27 -11.31 -1.21
C ARG D 62 13.44 -12.67 -1.86
N GLN D 63 13.35 -13.75 -1.07
CA GLN D 63 13.38 -15.09 -1.63
C GLN D 63 12.19 -15.34 -2.56
N LEU D 64 11.08 -14.65 -2.31
CA LEU D 64 9.96 -14.68 -3.24
C LEU D 64 10.32 -13.98 -4.56
N GLU D 65 11.01 -12.84 -4.47
CA GLU D 65 11.48 -12.17 -5.69
C GLU D 65 12.44 -13.07 -6.46
N PHE D 66 13.29 -13.80 -5.74
CA PHE D 66 14.28 -14.62 -6.42
C PHE D 66 13.63 -15.85 -7.05
N VAL D 67 12.66 -16.47 -6.35
CA VAL D 67 12.03 -17.64 -6.95
C VAL D 67 11.23 -17.23 -8.18
N LEU D 68 10.70 -16.00 -8.17
CA LEU D 68 10.02 -15.45 -9.34
C LEU D 68 10.94 -15.47 -10.56
N THR D 69 12.09 -14.80 -10.47
CA THR D 69 13.00 -14.77 -11.61
C THR D 69 13.45 -16.19 -11.97
N ALA D 70 13.86 -16.96 -10.98
CA ALA D 70 14.25 -18.34 -11.22
C ALA D 70 13.12 -19.14 -11.87
N ALA D 71 11.86 -18.76 -11.60
CA ALA D 71 10.71 -19.45 -12.18
C ALA D 71 10.59 -19.15 -13.67
N ARG D 72 10.55 -17.85 -14.05
CA ARG D 72 10.55 -17.51 -15.46
C ARG D 72 11.79 -18.07 -16.16
N ALA D 73 12.95 -17.95 -15.52
CA ALA D 73 14.18 -18.51 -16.09
C ALA D 73 14.03 -20.00 -16.37
N VAL D 74 13.73 -20.79 -15.31
CA VAL D 74 13.58 -22.24 -15.47
C VAL D 74 12.58 -22.55 -16.56
N MET D 75 11.42 -21.88 -16.52
CA MET D 75 10.46 -22.04 -17.60
C MET D 75 11.10 -21.74 -18.94
N ASN D 76 11.78 -20.60 -19.04
CA ASN D 76 12.39 -20.20 -20.29
C ASN D 76 13.41 -21.22 -20.75
N VAL D 77 14.22 -21.75 -19.84
CA VAL D 77 15.13 -22.83 -20.22
C VAL D 77 14.35 -24.02 -20.78
N ALA D 78 13.27 -24.41 -20.11
CA ALA D 78 12.55 -25.62 -20.53
C ALA D 78 11.95 -25.47 -21.93
N ALA D 79 11.50 -24.26 -22.29
CA ALA D 79 10.94 -24.06 -23.62
C ALA D 79 12.02 -24.16 -24.70
N ALA D 80 13.20 -23.60 -24.43
CA ALA D 80 14.27 -23.67 -25.42
C ALA D 80 14.69 -25.11 -25.68
N ALA D 81 14.72 -25.95 -24.63
CA ALA D 81 15.00 -27.36 -24.84
C ALA D 81 13.93 -27.99 -25.71
N ASN D 82 12.66 -27.69 -25.44
CA ASN D 82 11.58 -28.22 -26.27
C ASN D 82 11.68 -27.67 -27.68
N ALA D 83 12.20 -26.45 -27.84
CA ALA D 83 12.42 -25.91 -29.17
C ALA D 83 13.71 -26.43 -29.79
N ALA D 84 14.73 -26.75 -28.98
CA ALA D 84 16.01 -27.17 -29.50
C ALA D 84 15.88 -28.47 -30.31
N GLY D 85 15.32 -29.50 -29.70
CA GLY D 85 15.15 -30.76 -30.41
C GLY D 85 16.48 -31.33 -30.81
N THR D 86 16.64 -31.56 -32.12
CA THR D 86 17.82 -32.26 -32.63
C THR D 86 19.06 -31.37 -32.60
N ASP D 87 18.91 -30.08 -32.91
CA ASP D 87 20.07 -29.20 -33.16
C ASP D 87 21.05 -29.22 -31.99
N PRO D 88 22.35 -29.41 -32.25
CA PRO D 88 23.31 -29.64 -31.16
C PRO D 88 23.92 -28.35 -30.62
N GLU D 89 24.04 -27.33 -31.48
CA GLU D 89 24.53 -26.03 -31.02
C GLU D 89 23.62 -25.45 -29.95
N LEU D 90 22.33 -25.30 -30.28
CA LEU D 90 21.37 -24.82 -29.29
C LEU D 90 21.32 -25.75 -28.07
N ILE D 91 21.50 -27.06 -28.30
CA ILE D 91 21.49 -28.02 -27.21
C ILE D 91 22.63 -27.74 -26.24
N GLU D 92 23.81 -27.42 -26.77
CA GLU D 92 24.95 -27.07 -25.93
C GLU D 92 24.66 -25.80 -25.13
N MET D 93 23.98 -24.83 -25.77
CA MET D 93 23.69 -23.57 -25.10
C MET D 93 22.77 -23.79 -23.90
N VAL D 94 21.72 -24.59 -24.06
CA VAL D 94 20.73 -24.76 -23.01
C VAL D 94 21.36 -25.36 -21.76
N LEU D 95 22.15 -26.43 -21.92
CA LEU D 95 22.85 -27.03 -20.79
C LEU D 95 23.76 -26.02 -20.11
N ARG D 96 24.42 -25.16 -20.89
CA ARG D 96 25.32 -24.16 -20.33
C ARG D 96 24.54 -23.16 -19.47
N ILE D 97 23.39 -22.71 -19.96
CA ILE D 97 22.59 -21.77 -19.16
C ILE D 97 22.03 -22.47 -17.92
N LEU D 98 21.73 -23.77 -18.03
CA LEU D 98 21.12 -24.48 -16.90
C LEU D 98 22.09 -24.57 -15.72
N LYS D 99 23.36 -24.88 -16.00
CA LYS D 99 24.35 -24.95 -14.93
C LYS D 99 24.52 -23.61 -14.23
N GLN D 100 24.69 -22.54 -15.02
CA GLN D 100 24.74 -21.20 -14.43
C GLN D 100 23.51 -20.92 -13.59
N LEU D 101 22.35 -21.45 -14.01
CA LEU D 101 21.12 -21.27 -13.27
C LEU D 101 21.19 -21.93 -11.89
N LYS D 102 21.52 -23.23 -11.84
CA LYS D 102 21.64 -23.89 -10.54
C LYS D 102 22.73 -23.21 -9.71
N GLU D 103 23.90 -22.97 -10.31
CA GLU D 103 24.96 -22.23 -9.63
C GLU D 103 24.45 -20.91 -9.07
N ALA D 104 23.74 -20.13 -9.90
CA ALA D 104 23.16 -18.88 -9.42
C ALA D 104 22.15 -19.12 -8.31
N ILE D 105 21.33 -20.17 -8.45
CA ILE D 105 20.36 -20.50 -7.40
C ILE D 105 21.08 -20.98 -6.14
N ARG D 106 22.10 -21.83 -6.32
CA ARG D 106 22.84 -22.36 -5.17
C ARG D 106 23.48 -21.24 -4.35
N THR D 107 23.86 -20.14 -5.00
CA THR D 107 24.35 -18.97 -4.28
C THR D 107 23.25 -18.34 -3.43
N PHE D 108 21.98 -18.52 -3.82
CA PHE D 108 20.90 -17.98 -3.01
C PHE D 108 20.56 -18.85 -1.82
N GLN D 109 20.73 -20.18 -1.90
CA GLN D 109 20.56 -20.99 -0.71
C GLN D 109 21.58 -20.61 0.35
N ASN D 110 22.78 -20.22 -0.07
CA ASN D 110 23.74 -19.62 0.86
C ASN D 110 23.23 -18.27 1.35
N GLY D 111 24.01 -17.64 2.23
CA GLY D 111 23.54 -16.42 2.88
C GLY D 111 23.45 -15.21 1.96
N ASP D 112 24.41 -15.06 1.07
CA ASP D 112 24.57 -13.84 0.28
C ASP D 112 23.87 -14.01 -1.07
N GLN D 113 22.86 -13.17 -1.30
CA GLN D 113 22.03 -13.21 -2.49
C GLN D 113 22.53 -12.31 -3.60
N GLU D 114 23.21 -11.21 -3.27
CA GLU D 114 23.62 -10.23 -4.27
C GLU D 114 24.42 -10.87 -5.41
N GLU D 115 25.33 -11.79 -5.08
CA GLU D 115 26.04 -12.53 -6.12
C GLU D 115 25.07 -13.41 -6.91
N ALA D 116 24.12 -14.06 -6.22
CA ALA D 116 23.10 -14.84 -6.91
C ALA D 116 22.16 -13.94 -7.70
N GLU D 117 21.85 -12.76 -7.16
CA GLU D 117 20.89 -11.85 -7.79
C GLU D 117 21.46 -11.28 -9.08
N THR D 118 22.75 -10.94 -9.09
CA THR D 118 23.39 -10.45 -10.32
C THR D 118 23.47 -11.56 -11.36
N GLN D 119 23.77 -12.78 -10.93
CA GLN D 119 23.78 -13.89 -11.87
C GLN D 119 22.39 -14.18 -12.40
N LEU D 120 21.36 -14.12 -11.52
CA LEU D 120 20.00 -14.40 -11.96
C LEU D 120 19.47 -13.35 -12.92
N ARG D 121 19.96 -12.12 -12.81
CA ARG D 121 19.69 -11.14 -13.86
C ARG D 121 20.16 -11.65 -15.21
N PHE D 122 21.31 -12.34 -15.24
CA PHE D 122 21.89 -12.79 -16.49
C PHE D 122 21.22 -14.06 -17.02
N VAL D 123 20.92 -15.01 -16.12
CA VAL D 123 20.23 -16.24 -16.56
C VAL D 123 18.90 -15.90 -17.21
N LEU D 124 18.12 -15.01 -16.58
CA LEU D 124 16.83 -14.61 -17.15
C LEU D 124 17.01 -14.12 -18.58
N ARG D 125 17.90 -13.14 -18.79
CA ARG D 125 18.13 -12.67 -20.14
C ARG D 125 18.62 -13.79 -21.04
N ALA D 126 19.55 -14.63 -20.53
CA ALA D 126 20.10 -15.71 -21.34
C ALA D 126 19.04 -16.74 -21.67
N ALA D 127 18.25 -17.17 -20.67
CA ALA D 127 17.21 -18.17 -20.92
C ALA D 127 16.18 -17.66 -21.92
N ILE D 128 15.78 -16.39 -21.77
CA ILE D 128 14.82 -15.78 -22.69
C ILE D 128 15.41 -15.67 -24.09
N ALA D 129 16.67 -15.22 -24.20
CA ALA D 129 17.41 -15.28 -25.45
C ALA D 129 17.24 -16.62 -26.15
N VAL D 130 17.82 -17.67 -25.58
CA VAL D 130 17.99 -18.93 -26.31
C VAL D 130 16.65 -19.53 -26.69
N ALA D 131 15.59 -19.23 -25.93
CA ALA D 131 14.29 -19.80 -26.27
C ALA D 131 13.74 -19.21 -27.55
N VAL D 132 13.99 -17.93 -27.80
CA VAL D 132 13.42 -17.32 -28.99
C VAL D 132 14.30 -17.55 -30.23
N VAL D 133 15.63 -17.61 -30.06
CA VAL D 133 16.46 -18.02 -31.19
C VAL D 133 16.10 -19.45 -31.57
N ALA D 134 15.97 -20.34 -30.58
CA ALA D 134 15.39 -21.66 -30.82
C ALA D 134 14.02 -21.54 -31.48
N ALA D 135 13.22 -20.56 -31.07
CA ALA D 135 11.92 -20.36 -31.73
C ALA D 135 12.09 -19.81 -33.15
N ALA D 136 13.09 -18.96 -33.37
CA ALA D 136 13.35 -18.54 -34.74
C ALA D 136 13.74 -19.75 -35.61
N LEU D 137 14.51 -20.67 -35.04
CA LEU D 137 14.96 -21.86 -35.79
C LEU D 137 13.77 -22.63 -36.37
N VAL D 138 12.79 -22.99 -35.54
CA VAL D 138 11.66 -23.75 -36.03
C VAL D 138 10.82 -22.93 -37.01
N LEU D 139 10.68 -21.63 -36.74
CA LEU D 139 10.03 -20.74 -37.71
C LEU D 139 10.90 -20.59 -38.96
N ALA D 140 12.23 -20.57 -38.78
CA ALA D 140 13.13 -20.50 -39.93
C ALA D 140 12.93 -21.68 -40.87
N GLY D 141 12.87 -22.89 -40.34
CA GLY D 141 12.65 -24.07 -41.16
C GLY D 141 13.71 -24.26 -42.23
N THR D 142 13.25 -24.50 -43.46
CA THR D 142 14.11 -24.86 -44.59
C THR D 142 14.81 -23.62 -45.19
N ASP D 143 14.23 -22.44 -45.02
CA ASP D 143 14.75 -21.18 -45.55
C ASP D 143 16.22 -20.96 -45.15
N PRO D 144 17.16 -20.93 -46.10
CA PRO D 144 18.58 -20.86 -45.71
C PRO D 144 19.03 -19.52 -45.13
N GLU D 145 18.49 -18.39 -45.61
CA GLU D 145 19.06 -17.08 -45.26
C GLU D 145 18.89 -16.75 -43.78
N LEU D 146 17.76 -17.13 -43.17
CA LEU D 146 17.57 -16.87 -41.75
C LEU D 146 18.53 -17.70 -40.88
N GLN D 147 18.91 -18.88 -41.36
CA GLN D 147 19.80 -19.76 -40.59
C GLN D 147 21.16 -19.12 -40.39
N GLU D 148 21.71 -18.52 -41.43
CA GLU D 148 22.99 -17.81 -41.30
C GLU D 148 22.87 -16.62 -40.37
N MET D 149 21.64 -16.10 -40.20
CA MET D 149 21.41 -15.04 -39.23
C MET D 149 21.39 -15.59 -37.82
N VAL D 150 20.57 -16.61 -37.57
CA VAL D 150 20.47 -17.21 -36.25
C VAL D 150 21.82 -17.81 -35.83
N LYS D 151 22.61 -18.28 -36.79
CA LYS D 151 23.93 -18.81 -36.46
C LYS D 151 24.86 -17.70 -35.98
N GLN D 152 24.86 -16.57 -36.69
CA GLN D 152 25.70 -15.45 -36.27
C GLN D 152 25.20 -14.87 -34.95
N ILE D 153 23.88 -14.87 -34.74
CA ILE D 153 23.32 -14.41 -33.46
C ILE D 153 23.77 -15.31 -32.32
N LEU D 154 23.60 -16.64 -32.49
CA LEU D 154 23.97 -17.59 -31.43
C LEU D 154 25.42 -17.41 -30.99
N GLU D 155 26.30 -17.06 -31.93
CA GLU D 155 27.72 -16.89 -31.60
C GLU D 155 27.89 -15.76 -30.59
N GLU D 156 27.25 -14.60 -30.84
CA GLU D 156 27.25 -13.55 -29.85
C GLU D 156 26.66 -14.04 -28.54
N LEU D 157 25.57 -14.82 -28.61
CA LEU D 157 24.98 -15.43 -27.42
C LEU D 157 25.97 -16.39 -26.77
N LYS D 158 26.54 -17.31 -27.56
CA LYS D 158 27.58 -18.18 -27.04
C LYS D 158 28.74 -17.37 -26.47
N GLN D 159 29.12 -16.28 -27.15
CA GLN D 159 30.18 -15.42 -26.62
C GLN D 159 29.73 -14.73 -25.34
N ALA D 160 28.49 -14.27 -25.29
CA ALA D 160 28.02 -13.46 -24.17
C ALA D 160 28.06 -14.23 -22.86
N ILE D 161 27.75 -15.54 -22.91
CA ILE D 161 27.69 -16.35 -21.69
C ILE D 161 29.09 -16.55 -21.11
N GLU D 162 30.08 -16.81 -21.98
CA GLU D 162 31.46 -16.95 -21.51
C GLU D 162 32.01 -15.60 -21.07
N THR D 163 31.80 -14.55 -21.87
CA THR D 163 32.21 -13.19 -21.48
C THR D 163 31.75 -12.83 -20.07
N PHE D 164 30.66 -13.44 -19.61
CA PHE D 164 30.12 -13.16 -18.29
C PHE D 164 30.84 -13.96 -17.21
N ALA D 165 31.20 -15.21 -17.49
CA ALA D 165 31.75 -16.13 -16.51
C ALA D 165 32.99 -15.60 -15.81
N ARG D 166 34.15 -15.75 -16.46
CA ARG D 166 35.43 -15.33 -15.91
C ARG D 166 35.91 -13.99 -16.46
N GLY D 167 35.26 -13.46 -17.49
CA GLY D 167 35.63 -12.19 -18.09
C GLY D 167 34.74 -11.05 -17.64
N ASP D 168 34.55 -10.08 -18.54
CA ASP D 168 33.86 -8.84 -18.21
C ASP D 168 32.34 -9.06 -18.24
N LYS D 169 31.71 -8.94 -17.08
CA LYS D 169 30.29 -9.25 -16.95
C LYS D 169 29.40 -8.13 -17.48
N GLU D 170 29.72 -6.87 -17.11
CA GLU D 170 28.89 -5.75 -17.55
C GLU D 170 28.81 -5.68 -19.07
N LYS D 171 29.96 -5.74 -19.75
CA LYS D 171 29.95 -5.76 -21.21
C LYS D 171 29.27 -7.01 -21.75
N ALA D 172 29.25 -8.09 -20.97
CA ALA D 172 28.52 -9.29 -21.38
C ALA D 172 27.02 -9.09 -21.30
N LEU D 173 26.55 -8.25 -20.36
CA LEU D 173 25.12 -8.00 -20.23
C LEU D 173 24.59 -7.17 -21.40
N THR D 174 25.27 -6.05 -21.71
CA THR D 174 24.83 -5.22 -22.83
C THR D 174 24.94 -5.99 -24.15
N GLN D 175 25.88 -6.93 -24.25
CA GLN D 175 25.89 -7.80 -25.42
C GLN D 175 24.67 -8.71 -25.42
N LEU D 176 24.25 -9.14 -24.23
CA LEU D 176 23.09 -10.01 -24.11
C LEU D 176 21.82 -9.29 -24.51
N LEU D 177 21.69 -8.02 -24.08
CA LEU D 177 20.56 -7.20 -24.50
C LEU D 177 20.46 -7.18 -26.02
N PHE D 178 21.59 -7.02 -26.71
CA PHE D 178 21.57 -7.04 -28.17
C PHE D 178 21.09 -8.38 -28.70
N VAL D 179 21.59 -9.48 -28.14
CA VAL D 179 21.20 -10.81 -28.63
C VAL D 179 19.71 -11.02 -28.42
N ALA D 180 19.19 -10.59 -27.28
CA ALA D 180 17.75 -10.70 -27.01
C ALA D 180 16.93 -10.08 -28.13
N TRP D 181 17.19 -8.79 -28.41
CA TRP D 181 16.44 -8.06 -29.43
C TRP D 181 16.69 -8.62 -30.82
N ALA D 182 17.94 -8.95 -31.16
CA ALA D 182 18.22 -9.46 -32.50
C ALA D 182 17.56 -10.81 -32.73
N ALA D 183 17.58 -11.68 -31.72
CA ALA D 183 16.82 -12.93 -31.78
C ALA D 183 15.32 -12.64 -31.95
N HIS D 184 14.79 -11.79 -31.09
CA HIS D 184 13.40 -11.35 -31.22
C HIS D 184 13.06 -10.88 -32.64
N ALA D 185 13.96 -10.12 -33.28
CA ALA D 185 13.73 -9.67 -34.65
C ALA D 185 13.65 -10.85 -35.63
N VAL D 186 14.63 -11.77 -35.56
CA VAL D 186 14.67 -12.85 -36.55
C VAL D 186 13.46 -13.78 -36.36
N ALA D 187 13.07 -14.03 -35.10
CA ALA D 187 11.83 -14.77 -34.87
C ALA D 187 10.65 -14.09 -35.54
N MET D 188 10.62 -12.75 -35.50
CA MET D 188 9.53 -12.01 -36.14
C MET D 188 9.62 -12.10 -37.66
N ILE D 189 10.81 -11.84 -38.21
CA ILE D 189 10.97 -11.97 -39.65
C ILE D 189 10.60 -13.38 -40.10
N ALA D 190 11.04 -14.39 -39.35
CA ALA D 190 10.80 -15.77 -39.74
C ALA D 190 9.31 -16.07 -39.72
N ALA D 191 8.63 -15.68 -38.64
CA ALA D 191 7.18 -15.71 -38.63
C ALA D 191 6.60 -15.02 -39.86
N ALA D 192 7.12 -13.84 -40.18
CA ALA D 192 6.59 -13.08 -41.32
C ALA D 192 6.80 -13.84 -42.63
N ALA D 193 8.04 -14.27 -42.88
CA ALA D 193 8.34 -15.03 -44.09
C ALA D 193 7.43 -16.26 -44.22
N ASN D 194 7.16 -16.93 -43.10
CA ASN D 194 6.31 -18.12 -43.12
C ASN D 194 4.88 -17.76 -43.46
N LEU D 195 4.34 -16.71 -42.83
CA LEU D 195 2.95 -16.34 -43.05
C LEU D 195 2.75 -15.72 -44.42
N ALA D 196 3.76 -14.98 -44.91
CA ALA D 196 3.67 -14.40 -46.25
C ALA D 196 3.41 -15.47 -47.29
N GLY D 197 4.01 -16.64 -47.14
CA GLY D 197 3.87 -17.64 -48.18
C GLY D 197 4.48 -17.15 -49.48
N THR D 198 3.77 -17.37 -50.58
CA THR D 198 4.26 -17.07 -51.91
C THR D 198 4.01 -15.63 -52.36
N ASP D 199 3.40 -14.79 -51.49
CA ASP D 199 3.14 -13.36 -51.71
C ASP D 199 4.42 -12.58 -52.00
N PRO D 200 4.62 -12.09 -53.23
CA PRO D 200 5.93 -11.49 -53.58
C PRO D 200 6.22 -10.13 -52.92
N ARG D 201 5.21 -9.45 -52.37
CA ARG D 201 5.43 -8.12 -51.79
C ARG D 201 5.75 -8.21 -50.30
N LEU D 202 5.03 -9.07 -49.58
CA LEU D 202 5.45 -9.42 -48.24
C LEU D 202 6.84 -10.04 -48.26
N GLN D 203 7.15 -10.79 -49.32
CA GLN D 203 8.49 -11.34 -49.46
C GLN D 203 9.49 -10.20 -49.68
N GLN D 204 9.20 -9.33 -50.63
CA GLN D 204 10.07 -8.17 -50.86
C GLN D 204 10.24 -7.37 -49.57
N GLN D 205 9.16 -7.21 -48.81
CA GLN D 205 9.22 -6.48 -47.54
C GLN D 205 10.06 -7.23 -46.51
N VAL D 206 9.98 -8.57 -46.49
CA VAL D 206 10.77 -9.34 -45.53
C VAL D 206 12.25 -9.30 -45.88
N LYS D 207 12.56 -9.39 -47.18
CA LYS D 207 13.95 -9.26 -47.59
C LYS D 207 14.54 -7.94 -47.12
N GLU D 208 13.85 -6.82 -47.39
CA GLU D 208 14.37 -5.51 -46.99
C GLU D 208 14.61 -5.41 -45.48
N ILE D 209 13.71 -5.97 -44.68
CA ILE D 209 13.88 -5.88 -43.24
C ILE D 209 15.02 -6.78 -42.81
N LEU D 210 15.11 -7.95 -43.44
CA LEU D 210 16.21 -8.87 -43.18
C LEU D 210 17.55 -8.17 -43.38
N GLU D 211 17.75 -7.59 -44.57
CA GLU D 211 19.00 -6.89 -44.82
C GLU D 211 19.24 -5.80 -43.79
N LYS D 212 18.19 -5.13 -43.32
CA LYS D 212 18.42 -4.13 -42.27
C LYS D 212 18.88 -4.78 -40.96
N LEU D 213 18.40 -6.01 -40.68
CA LEU D 213 18.90 -6.72 -39.50
C LEU D 213 20.36 -7.13 -39.69
N LYS D 214 20.71 -7.59 -40.90
CA LYS D 214 22.09 -7.93 -41.22
C LYS D 214 23.02 -6.74 -40.98
N GLU D 215 22.64 -5.58 -41.50
CA GLU D 215 23.39 -4.34 -41.30
C GLU D 215 23.61 -4.07 -39.81
N ALA D 216 22.55 -4.18 -39.01
CA ALA D 216 22.65 -3.78 -37.60
C ALA D 216 23.57 -4.70 -36.81
N ILE D 217 23.59 -5.99 -37.15
CA ILE D 217 24.48 -6.93 -36.48
C ILE D 217 25.93 -6.64 -36.86
N GLU D 218 26.18 -6.30 -38.13
CA GLU D 218 27.52 -5.89 -38.54
C GLU D 218 27.97 -4.63 -37.79
N THR D 219 27.05 -3.69 -37.57
CA THR D 219 27.38 -2.48 -36.82
C THR D 219 27.78 -2.82 -35.39
N PHE D 220 27.09 -3.79 -34.77
CA PHE D 220 27.41 -4.12 -33.38
C PHE D 220 28.77 -4.81 -33.29
N GLN D 221 29.10 -5.60 -34.31
CA GLN D 221 30.36 -6.32 -34.33
C GLN D 221 31.53 -5.40 -34.62
N LYS D 222 31.30 -4.34 -35.41
CA LYS D 222 32.27 -3.26 -35.61
C LYS D 222 32.46 -2.43 -34.35
N GLY D 223 31.58 -2.55 -33.36
CA GLY D 223 31.76 -1.88 -32.09
C GLY D 223 31.04 -0.57 -31.93
N ASP D 224 30.45 -0.02 -33.00
CA ASP D 224 29.66 1.21 -32.89
C ASP D 224 28.32 0.82 -32.26
N GLU D 225 28.29 0.84 -30.92
CA GLU D 225 27.15 0.30 -30.19
C GLU D 225 25.93 1.20 -30.28
N GLU D 226 26.15 2.53 -30.24
CA GLU D 226 25.01 3.45 -30.27
C GLU D 226 24.25 3.31 -31.58
N GLN D 227 24.95 3.37 -32.72
CA GLN D 227 24.28 3.19 -34.00
C GLN D 227 23.58 1.84 -34.09
N ALA D 228 24.18 0.79 -33.52
CA ALA D 228 23.63 -0.55 -33.69
C ALA D 228 22.34 -0.72 -32.89
N PHE D 229 22.28 -0.16 -31.68
CA PHE D 229 21.09 -0.28 -30.86
C PHE D 229 19.92 0.46 -31.49
N ARG D 230 20.15 1.68 -31.97
CA ARG D 230 19.15 2.38 -32.76
C ARG D 230 18.71 1.56 -33.96
N GLN D 231 19.67 1.05 -34.72
CA GLN D 231 19.34 0.31 -35.93
C GLN D 231 18.55 -0.94 -35.61
N LEU D 232 18.96 -1.67 -34.56
CA LEU D 232 18.26 -2.89 -34.16
C LEU D 232 16.83 -2.59 -33.71
N ALA D 233 16.66 -1.59 -32.83
CA ALA D 233 15.33 -1.19 -32.37
C ALA D 233 14.43 -0.82 -33.54
N GLU D 234 14.96 -0.09 -34.54
CA GLU D 234 14.13 0.23 -35.70
C GLU D 234 13.75 -1.02 -36.48
N VAL D 235 14.72 -1.93 -36.68
CA VAL D 235 14.47 -3.21 -37.34
C VAL D 235 13.39 -4.02 -36.60
N LEU D 236 13.47 -4.06 -35.26
CA LEU D 236 12.51 -4.86 -34.52
C LEU D 236 11.08 -4.35 -34.70
N ALA D 237 10.88 -3.03 -34.68
CA ALA D 237 9.54 -2.50 -34.91
C ALA D 237 9.08 -2.80 -36.34
N GLU D 238 9.96 -2.59 -37.32
CA GLU D 238 9.65 -2.89 -38.72
C GLU D 238 9.34 -4.39 -38.91
N ALA D 239 10.06 -5.26 -38.21
CA ALA D 239 9.86 -6.70 -38.33
C ALA D 239 8.55 -7.14 -37.69
N ALA D 240 8.19 -6.53 -36.54
CA ALA D 240 6.87 -6.82 -35.98
C ALA D 240 5.76 -6.38 -36.94
N LEU D 241 5.96 -5.30 -37.70
CA LEU D 241 4.85 -4.82 -38.51
C LEU D 241 4.65 -5.67 -39.75
N VAL D 242 5.74 -6.18 -40.34
CA VAL D 242 5.60 -7.04 -41.51
C VAL D 242 4.97 -8.37 -41.11
N ALA D 243 5.20 -8.82 -39.87
CA ALA D 243 4.56 -10.03 -39.38
C ALA D 243 3.06 -9.82 -39.19
N LEU D 244 2.67 -8.69 -38.61
CA LEU D 244 1.24 -8.36 -38.52
C LEU D 244 0.61 -8.26 -39.89
N ARG D 245 1.29 -7.63 -40.85
CA ARG D 245 0.70 -7.48 -42.17
C ARG D 245 0.58 -8.84 -42.86
N ALA D 246 1.57 -9.71 -42.71
CA ALA D 246 1.48 -11.05 -43.30
C ALA D 246 0.38 -11.87 -42.62
N ALA D 247 0.28 -11.77 -41.30
CA ALA D 247 -0.74 -12.53 -40.58
C ALA D 247 -2.14 -12.03 -40.92
N LEU D 248 -2.27 -10.75 -41.25
CA LEU D 248 -3.52 -10.19 -41.73
C LEU D 248 -3.83 -10.61 -43.15
N THR D 249 -3.01 -11.47 -43.75
CA THR D 249 -3.28 -11.96 -45.09
C THR D 249 -3.34 -13.47 -45.16
N ASN D 250 -3.07 -14.18 -44.07
CA ASN D 250 -2.91 -15.62 -44.06
C ASN D 250 -3.86 -16.26 -43.05
#